data_7AOB
#
_entry.id   7AOB
#
_cell.length_a   69.910
_cell.length_b   150.480
_cell.length_c   153.970
_cell.angle_alpha   90.000
_cell.angle_beta   90.000
_cell.angle_gamma   90.000
#
_symmetry.space_group_name_H-M   'P 21 21 21'
#
loop_
_entity.id
_entity.type
_entity.pdbx_description
1 polymer 'Malate dehydrogenase'
2 non-polymer GLYCEROL
3 non-polymer DI(HYDROXYETHYL)ETHER
4 non-polymer 'PENTAETHYLENE GLYCOL'
5 non-polymer 1,2-ETHANEDIOL
6 non-polymer 'TRIETHYLENE GLYCOL'
7 water water
#
_entity_poly.entity_id   1
_entity_poly.type   'polypeptide(L)'
_entity_poly.pdbx_seq_one_letter_code
;MKRPKVSIVGAGNTGAALAHWLAIKQVADIVLVDVVEGMPQGKALDLMQSAPVEGFDVVITGSNDYAATAGSDVVVITAG
AARKPGMSRDDLVNINTGIVREITAQVARYSPDAYLIVLTNPLDVMCYVAYKVSGFPKHRVMGQSGILDSARFRTFIARE
LNVSFEDVHALVLGGHGDSMVPLPRYTHVGGIPVTQLLPKEKIDELVRRTRDGGAEIVRLLKTGSAFFAPGAAMAEMVEA
ILRDRKRVLPVSAYLEGEYGESGIFMGVPVVLGGNGIEKILEIELTDEERQAFARSAADVRQTLSKLDL
;
_entity_poly.pdbx_strand_id   A,B,C,D
#
# COMPACT_ATOMS: atom_id res chain seq x y z
N MET A 1 5.22 21.96 7.14
CA MET A 1 5.63 20.52 7.00
C MET A 1 6.41 20.38 5.68
N LYS A 2 7.51 19.66 5.72
CA LYS A 2 8.45 19.41 4.59
C LYS A 2 8.72 17.90 4.57
N ARG A 3 8.73 17.27 3.40
CA ARG A 3 9.19 15.87 3.30
C ARG A 3 10.68 15.85 3.66
N PRO A 4 11.11 14.78 4.37
CA PRO A 4 12.54 14.56 4.54
C PRO A 4 13.28 14.29 3.22
N LYS A 5 14.60 14.31 3.33
CA LYS A 5 15.54 14.22 2.17
C LYS A 5 16.51 13.05 2.38
N VAL A 6 16.53 12.14 1.43
CA VAL A 6 17.51 11.01 1.38
C VAL A 6 18.40 11.20 0.18
N SER A 7 19.71 11.10 0.39
CA SER A 7 20.69 11.05 -0.72
C SER A 7 21.23 9.61 -0.83
N ILE A 8 21.41 9.16 -2.05
CA ILE A 8 21.98 7.84 -2.37
C ILE A 8 23.23 8.10 -3.19
N VAL A 9 24.38 7.68 -2.69
CA VAL A 9 25.69 7.74 -3.42
C VAL A 9 25.92 6.39 -4.11
N GLY A 10 26.09 6.43 -5.43
CA GLY A 10 26.04 5.25 -6.31
C GLY A 10 24.67 5.12 -6.95
N ALA A 11 24.57 5.35 -8.25
CA ALA A 11 23.31 5.28 -9.00
C ALA A 11 23.37 4.07 -9.94
N GLY A 12 24.19 3.07 -9.62
CA GLY A 12 24.18 1.72 -10.23
C GLY A 12 22.86 1.01 -9.92
N ASN A 13 22.78 -0.30 -10.20
CA ASN A 13 21.53 -1.07 -10.06
C ASN A 13 21.04 -1.00 -8.60
N THR A 14 21.94 -1.12 -7.63
CA THR A 14 21.55 -1.14 -6.21
C THR A 14 21.03 0.24 -5.78
N GLY A 15 21.80 1.27 -6.04
CA GLY A 15 21.35 2.65 -5.71
C GLY A 15 19.98 2.94 -6.32
N ALA A 16 19.80 2.62 -7.61
CA ALA A 16 18.54 2.85 -8.34
C ALA A 16 17.40 1.99 -7.75
N ALA A 17 17.67 0.73 -7.39
CA ALA A 17 16.66 -0.16 -6.77
C ALA A 17 16.26 0.43 -5.42
N LEU A 18 17.22 0.88 -4.64
CA LEU A 18 16.92 1.57 -3.37
C LEU A 18 15.94 2.73 -3.62
N ALA A 19 16.23 3.60 -4.59
CA ALA A 19 15.39 4.79 -4.88
C ALA A 19 13.97 4.34 -5.20
N HIS A 20 13.83 3.26 -5.95
CA HIS A 20 12.51 2.69 -6.36
C HIS A 20 11.74 2.28 -5.09
N TRP A 21 12.36 1.47 -4.26
CA TRP A 21 11.69 0.98 -3.01
C TRP A 21 11.33 2.17 -2.11
N LEU A 22 12.19 3.20 -2.04
CA LEU A 22 11.89 4.40 -1.22
C LEU A 22 10.74 5.19 -1.86
N ALA A 23 10.72 5.35 -3.19
CA ALA A 23 9.67 6.18 -3.86
C ALA A 23 8.29 5.62 -3.49
N ILE A 24 8.18 4.30 -3.50
CA ILE A 24 6.90 3.57 -3.25
C ILE A 24 6.45 3.76 -1.80
N LYS A 25 7.39 3.93 -0.87
CA LYS A 25 7.03 4.15 0.55
C LYS A 25 6.58 5.60 0.76
N GLN A 26 6.78 6.50 -0.21
CA GLN A 26 6.44 7.94 -0.08
C GLN A 26 7.08 8.51 1.19
N VAL A 27 8.35 8.25 1.42
CA VAL A 27 8.98 8.49 2.74
C VAL A 27 9.87 9.73 2.67
N ALA A 28 10.35 10.12 1.47
CA ALA A 28 11.33 11.21 1.31
C ALA A 28 11.48 11.60 -0.16
N ASP A 29 11.83 12.86 -0.37
CA ASP A 29 12.47 13.27 -1.65
C ASP A 29 13.84 12.60 -1.70
N ILE A 30 14.26 12.27 -2.91
CA ILE A 30 15.47 11.47 -3.17
C ILE A 30 16.41 12.22 -4.12
N VAL A 31 17.69 12.19 -3.79
CA VAL A 31 18.78 12.67 -4.67
C VAL A 31 19.71 11.49 -4.93
N LEU A 32 19.87 11.11 -6.20
CA LEU A 32 20.89 10.15 -6.68
C LEU A 32 22.19 10.88 -7.05
N VAL A 33 23.32 10.39 -6.55
CA VAL A 33 24.65 10.99 -6.87
C VAL A 33 25.60 9.92 -7.37
N ASP A 34 26.31 10.25 -8.43
CA ASP A 34 27.27 9.34 -9.07
C ASP A 34 28.29 10.22 -9.81
N VAL A 35 29.46 9.67 -10.09
CA VAL A 35 30.58 10.39 -10.77
C VAL A 35 30.28 10.38 -12.28
N VAL A 36 29.49 9.40 -12.74
CA VAL A 36 29.16 9.18 -14.18
C VAL A 36 28.12 10.20 -14.65
N GLU A 37 28.48 11.09 -15.57
CA GLU A 37 27.62 12.21 -16.00
C GLU A 37 26.41 11.64 -16.73
N GLY A 38 25.24 12.23 -16.47
CA GLY A 38 23.99 11.83 -17.12
C GLY A 38 23.28 10.69 -16.41
N MET A 39 23.99 9.71 -15.81
CA MET A 39 23.39 8.43 -15.34
C MET A 39 22.40 8.67 -14.19
N PRO A 40 22.80 9.31 -13.06
CA PRO A 40 21.87 9.59 -11.98
C PRO A 40 20.74 10.49 -12.45
N GLN A 41 21.02 11.45 -13.33
CA GLN A 41 20.01 12.38 -13.87
C GLN A 41 18.94 11.55 -14.60
N GLY A 42 19.37 10.59 -15.41
CA GLY A 42 18.48 9.76 -16.25
C GLY A 42 17.65 8.82 -15.40
N LYS A 43 18.26 8.16 -14.42
CA LYS A 43 17.53 7.20 -13.57
C LYS A 43 16.50 7.94 -12.71
N ALA A 44 16.90 9.04 -12.09
CA ALA A 44 16.02 9.96 -11.33
C ALA A 44 14.80 10.36 -12.17
N LEU A 45 15.00 10.99 -13.34
CA LEU A 45 13.86 11.48 -14.15
C LEU A 45 12.98 10.30 -14.58
N ASP A 46 13.58 9.18 -14.98
CA ASP A 46 12.82 7.95 -15.33
C ASP A 46 11.94 7.53 -14.13
N LEU A 47 12.50 7.45 -12.91
CA LEU A 47 11.73 6.96 -11.73
C LEU A 47 10.63 7.97 -11.48
N MET A 48 10.93 9.27 -11.58
CA MET A 48 9.91 10.28 -11.18
C MET A 48 8.75 10.31 -12.20
N GLN A 49 9.00 9.91 -13.43
CA GLN A 49 7.98 9.85 -14.52
C GLN A 49 7.00 8.69 -14.27
N SER A 50 7.32 7.76 -13.37
CA SER A 50 6.39 6.67 -12.99
CA SER A 50 6.41 6.67 -12.96
C SER A 50 5.37 7.19 -11.96
N ALA A 51 5.64 8.34 -11.33
CA ALA A 51 4.87 8.83 -10.17
C ALA A 51 3.39 9.03 -10.53
N PRO A 52 3.03 9.69 -11.65
CA PRO A 52 1.61 9.90 -11.96
C PRO A 52 0.87 8.55 -12.12
N VAL A 53 1.62 7.51 -12.47
CA VAL A 53 0.99 6.19 -12.74
C VAL A 53 0.91 5.39 -11.44
N GLU A 54 1.93 5.47 -10.60
CA GLU A 54 2.00 4.60 -9.39
C GLU A 54 1.45 5.30 -8.15
N GLY A 55 1.08 6.56 -8.27
CA GLY A 55 0.49 7.35 -7.16
C GLY A 55 1.48 7.47 -6.01
N PHE A 56 2.61 8.14 -6.23
CA PHE A 56 3.51 8.62 -5.15
C PHE A 56 3.83 10.09 -5.43
N ASP A 57 3.91 10.90 -4.36
CA ASP A 57 4.40 12.29 -4.35
C ASP A 57 5.77 12.34 -3.69
N VAL A 58 6.79 12.04 -4.46
CA VAL A 58 8.20 12.25 -4.06
C VAL A 58 8.91 12.77 -5.30
N VAL A 59 9.81 13.73 -5.10
CA VAL A 59 10.67 14.30 -6.15
C VAL A 59 12.01 13.56 -6.09
N ILE A 60 12.42 13.04 -7.25
CA ILE A 60 13.70 12.29 -7.42
C ILE A 60 14.52 13.05 -8.44
N THR A 61 15.70 13.48 -8.00
CA THR A 61 16.68 14.22 -8.84
C THR A 61 18.04 13.50 -8.79
N GLY A 62 18.92 13.86 -9.70
CA GLY A 62 20.21 13.22 -9.95
C GLY A 62 21.26 14.29 -10.11
N SER A 63 22.46 14.05 -9.62
CA SER A 63 23.58 15.02 -9.69
C SER A 63 24.90 14.27 -9.74
N ASN A 64 25.91 14.89 -10.34
CA ASN A 64 27.33 14.51 -10.24
C ASN A 64 28.04 15.31 -9.14
N ASP A 65 27.30 16.16 -8.42
CA ASP A 65 27.84 17.13 -7.44
C ASP A 65 27.37 16.69 -6.05
N TYR A 66 28.29 16.41 -5.14
CA TYR A 66 27.99 16.09 -3.72
C TYR A 66 27.17 17.21 -3.05
N ALA A 67 27.35 18.46 -3.48
CA ALA A 67 26.61 19.61 -2.88
C ALA A 67 25.11 19.38 -2.99
N ALA A 68 24.66 18.62 -3.98
CA ALA A 68 23.24 18.30 -4.18
C ALA A 68 22.73 17.44 -3.03
N THR A 69 23.60 16.92 -2.17
CA THR A 69 23.21 16.11 -1.00
C THR A 69 23.01 16.98 0.25
N ALA A 70 23.31 18.28 0.20
CA ALA A 70 23.24 19.21 1.36
C ALA A 70 21.88 19.02 2.06
N GLY A 71 21.91 18.92 3.38
CA GLY A 71 20.72 18.92 4.25
C GLY A 71 19.95 17.61 4.19
N SER A 72 20.62 16.49 3.92
CA SER A 72 19.98 15.16 3.88
C SER A 72 19.76 14.68 5.32
N ASP A 73 18.59 14.09 5.58
CA ASP A 73 18.30 13.41 6.86
C ASP A 73 19.06 12.09 6.91
N VAL A 74 19.09 11.37 5.79
CA VAL A 74 19.80 10.05 5.66
C VAL A 74 20.62 10.10 4.38
N VAL A 75 21.87 9.67 4.47
CA VAL A 75 22.73 9.39 3.29
C VAL A 75 23.08 7.91 3.26
N VAL A 76 22.82 7.26 2.13
CA VAL A 76 23.14 5.83 1.88
C VAL A 76 24.31 5.76 0.89
N ILE A 77 25.37 5.07 1.29
CA ILE A 77 26.57 4.83 0.43
C ILE A 77 26.46 3.44 -0.19
N THR A 78 26.18 3.34 -1.49
CA THR A 78 26.06 2.04 -2.20
C THR A 78 27.29 1.82 -3.11
N ALA A 79 28.17 2.81 -3.25
CA ALA A 79 29.35 2.78 -4.14
C ALA A 79 30.40 1.80 -3.60
N GLY A 80 31.27 1.32 -4.46
CA GLY A 80 32.48 0.57 -4.08
C GLY A 80 32.91 -0.39 -5.17
N ALA A 81 34.11 -0.94 -5.06
CA ALA A 81 34.68 -1.94 -6.00
C ALA A 81 34.29 -3.34 -5.54
N ALA A 82 34.00 -4.25 -6.49
CA ALA A 82 33.83 -5.71 -6.24
C ALA A 82 35.21 -6.38 -6.31
N ARG A 83 35.40 -7.50 -5.61
CA ARG A 83 36.62 -8.32 -5.73
C ARG A 83 36.68 -8.93 -7.15
N LYS A 84 37.73 -8.60 -7.91
CA LYS A 84 37.98 -9.11 -9.28
C LYS A 84 38.92 -10.31 -9.18
N PRO A 85 38.91 -11.23 -10.17
CA PRO A 85 39.97 -12.23 -10.27
C PRO A 85 41.36 -11.59 -10.08
N GLY A 86 42.14 -12.12 -9.14
CA GLY A 86 43.51 -11.67 -8.87
C GLY A 86 43.54 -10.35 -8.13
N MET A 87 42.76 -10.21 -7.04
CA MET A 87 42.98 -9.18 -5.98
C MET A 87 42.65 -9.77 -4.60
N SER A 88 43.60 -9.61 -3.67
CA SER A 88 43.57 -10.11 -2.27
C SER A 88 42.46 -9.39 -1.48
N ARG A 89 42.11 -9.93 -0.30
CA ARG A 89 41.18 -9.27 0.65
C ARG A 89 41.75 -7.88 0.94
N ASP A 90 43.09 -7.75 1.04
CA ASP A 90 43.82 -6.49 1.36
C ASP A 90 43.63 -5.45 0.24
N ASP A 91 43.70 -5.85 -1.01
CA ASP A 91 43.49 -4.92 -2.15
C ASP A 91 42.07 -4.35 -2.00
N LEU A 92 41.08 -5.22 -1.84
CA LEU A 92 39.65 -4.84 -1.75
C LEU A 92 39.48 -3.85 -0.58
N VAL A 93 40.06 -4.16 0.57
CA VAL A 93 39.96 -3.29 1.79
C VAL A 93 40.52 -1.91 1.41
N ASN A 94 41.74 -1.85 0.86
CA ASN A 94 42.41 -0.56 0.58
C ASN A 94 41.63 0.19 -0.52
N ILE A 95 41.16 -0.47 -1.57
CA ILE A 95 40.41 0.24 -2.66
C ILE A 95 39.14 0.85 -2.04
N ASN A 96 38.30 0.02 -1.42
CA ASN A 96 37.00 0.43 -0.83
C ASN A 96 37.24 1.42 0.33
N THR A 97 38.30 1.29 1.14
CA THR A 97 38.67 2.29 2.18
C THR A 97 38.82 3.66 1.51
N GLY A 98 39.49 3.74 0.35
CA GLY A 98 39.73 5.00 -0.38
C GLY A 98 38.44 5.63 -0.90
N ILE A 99 37.56 4.81 -1.48
CA ILE A 99 36.21 5.22 -1.99
C ILE A 99 35.29 5.72 -0.85
N VAL A 100 35.12 4.94 0.21
CA VAL A 100 34.24 5.30 1.35
C VAL A 100 34.80 6.55 2.04
N ARG A 101 36.13 6.65 2.19
CA ARG A 101 36.76 7.83 2.82
C ARG A 101 36.39 9.10 2.03
N GLU A 102 36.63 9.12 0.73
CA GLU A 102 36.35 10.30 -0.12
C GLU A 102 34.83 10.59 -0.10
N ILE A 103 33.97 9.57 -0.20
CA ILE A 103 32.50 9.80 -0.12
C ILE A 103 32.12 10.39 1.24
N THR A 104 32.59 9.81 2.34
CA THR A 104 32.15 10.18 3.71
C THR A 104 32.57 11.62 4.01
N ALA A 105 33.82 12.00 3.72
CA ALA A 105 34.35 13.37 3.91
C ALA A 105 33.38 14.38 3.26
N GLN A 106 32.94 14.13 2.02
CA GLN A 106 32.04 15.05 1.27
C GLN A 106 30.64 15.05 1.90
N VAL A 107 30.00 13.89 2.04
CA VAL A 107 28.57 13.85 2.48
C VAL A 107 28.46 14.34 3.92
N ALA A 108 29.45 14.09 4.79
CA ALA A 108 29.44 14.52 6.21
C ALA A 108 29.58 16.05 6.30
N ARG A 109 30.27 16.64 5.33
CA ARG A 109 30.45 18.10 5.23
C ARG A 109 29.09 18.75 4.89
N TYR A 110 28.40 18.26 3.85
CA TYR A 110 27.17 18.87 3.30
C TYR A 110 25.98 18.56 4.22
N SER A 111 26.02 17.46 4.98
CA SER A 111 24.92 17.03 5.90
C SER A 111 25.49 16.62 7.25
N PRO A 112 25.96 17.58 8.07
CA PRO A 112 26.62 17.23 9.33
C PRO A 112 25.68 16.62 10.38
N ASP A 113 24.36 16.66 10.18
CA ASP A 113 23.36 16.06 11.12
C ASP A 113 22.80 14.73 10.57
N ALA A 114 23.30 14.23 9.46
CA ALA A 114 22.72 13.06 8.75
C ALA A 114 23.00 11.74 9.49
N TYR A 115 22.12 10.79 9.31
CA TYR A 115 22.36 9.35 9.56
C TYR A 115 23.00 8.78 8.32
N LEU A 116 24.10 8.06 8.52
CA LEU A 116 24.90 7.41 7.43
CA LEU A 116 24.91 7.42 7.45
C LEU A 116 24.65 5.90 7.47
N ILE A 117 24.14 5.36 6.37
CA ILE A 117 23.98 3.89 6.13
C ILE A 117 24.96 3.46 5.02
N VAL A 118 25.80 2.48 5.34
CA VAL A 118 26.87 1.98 4.43
C VAL A 118 26.44 0.62 3.87
N LEU A 119 26.70 0.39 2.57
CA LEU A 119 26.56 -0.92 1.91
C LEU A 119 27.93 -1.50 1.56
N THR A 120 28.92 -0.65 1.31
CA THR A 120 30.21 -1.00 0.66
C THR A 120 30.89 -2.18 1.37
N ASN A 121 31.29 -3.20 0.60
CA ASN A 121 32.05 -4.39 1.06
CA ASN A 121 32.05 -4.39 1.06
C ASN A 121 33.52 -4.00 1.26
N PRO A 122 34.23 -4.58 2.24
CA PRO A 122 33.66 -5.45 3.28
C PRO A 122 32.96 -4.61 4.37
N LEU A 123 31.70 -4.94 4.69
CA LEU A 123 30.72 -4.01 5.31
C LEU A 123 31.14 -3.55 6.72
N ASP A 124 31.40 -4.48 7.65
CA ASP A 124 31.78 -4.11 9.04
C ASP A 124 33.00 -3.17 9.03
N VAL A 125 33.99 -3.45 8.20
CA VAL A 125 35.23 -2.60 8.10
C VAL A 125 34.85 -1.24 7.51
N MET A 126 34.09 -1.24 6.42
CA MET A 126 33.73 0.02 5.72
C MET A 126 32.88 0.91 6.62
N CYS A 127 32.07 0.35 7.53
CA CYS A 127 31.31 1.15 8.55
C CYS A 127 32.26 1.88 9.49
N TYR A 128 33.32 1.21 9.96
CA TYR A 128 34.34 1.86 10.81
C TYR A 128 35.00 3.02 10.03
N VAL A 129 35.31 2.83 8.76
CA VAL A 129 35.91 3.92 7.90
C VAL A 129 34.93 5.11 7.88
N ALA A 130 33.63 4.89 7.63
CA ALA A 130 32.64 5.99 7.59
C ALA A 130 32.58 6.66 8.99
N TYR A 131 32.55 5.88 10.06
CA TYR A 131 32.48 6.39 11.47
C TYR A 131 33.68 7.30 11.71
N LYS A 132 34.90 6.83 11.43
CA LYS A 132 36.13 7.59 11.70
C LYS A 132 36.17 8.86 10.83
N VAL A 133 35.92 8.74 9.53
CA VAL A 133 36.03 9.89 8.60
C VAL A 133 34.95 10.93 8.94
N SER A 134 33.70 10.55 9.19
CA SER A 134 32.59 11.50 9.42
C SER A 134 32.79 12.23 10.75
N GLY A 135 33.40 11.58 11.74
CA GLY A 135 33.41 12.06 13.13
C GLY A 135 32.02 12.03 13.79
N PHE A 136 31.02 11.42 13.16
CA PHE A 136 29.64 11.35 13.71
C PHE A 136 29.62 10.45 14.95
N PRO A 137 28.72 10.71 15.90
CA PRO A 137 28.52 9.81 17.03
C PRO A 137 27.94 8.44 16.59
N LYS A 138 28.20 7.41 17.41
CA LYS A 138 28.02 6.01 16.97
C LYS A 138 26.56 5.75 16.55
N HIS A 139 25.56 6.45 17.13
CA HIS A 139 24.13 6.16 16.85
C HIS A 139 23.79 6.55 15.41
N ARG A 140 24.65 7.31 14.74
CA ARG A 140 24.37 7.93 13.43
C ARG A 140 25.05 7.20 12.26
N VAL A 141 25.82 6.14 12.53
CA VAL A 141 26.58 5.40 11.48
C VAL A 141 26.25 3.91 11.60
N MET A 142 25.93 3.25 10.49
CA MET A 142 25.50 1.83 10.50
C MET A 142 25.61 1.22 9.11
N GLY A 143 25.56 -0.12 9.06
CA GLY A 143 25.75 -0.85 7.80
C GLY A 143 24.62 -1.80 7.54
N GLN A 144 24.26 -1.96 6.27
CA GLN A 144 23.31 -3.02 5.84
C GLN A 144 24.09 -4.31 5.57
N SER A 145 23.78 -5.39 6.25
CA SER A 145 24.31 -6.73 5.93
C SER A 145 23.33 -7.79 6.46
N GLY A 146 23.04 -7.80 7.76
CA GLY A 146 22.21 -8.87 8.38
C GLY A 146 20.83 -8.93 7.76
N ILE A 147 20.24 -7.81 7.33
CA ILE A 147 18.82 -7.86 6.87
C ILE A 147 18.77 -8.68 5.58
N LEU A 148 19.77 -8.48 4.72
CA LEU A 148 19.85 -9.16 3.41
C LEU A 148 20.06 -10.66 3.63
N ASP A 149 20.99 -11.04 4.52
CA ASP A 149 21.23 -12.48 4.85
C ASP A 149 19.97 -13.09 5.44
N SER A 150 19.31 -12.41 6.38
CA SER A 150 18.02 -12.84 6.97
CA SER A 150 18.00 -12.81 6.97
C SER A 150 16.98 -13.03 5.85
N ALA A 151 16.83 -12.04 4.97
CA ALA A 151 15.82 -12.05 3.88
C ALA A 151 16.06 -13.30 2.99
N ARG A 152 17.30 -13.58 2.63
CA ARG A 152 17.61 -14.76 1.76
C ARG A 152 17.26 -16.02 2.54
N PHE A 153 17.67 -16.16 3.78
CA PHE A 153 17.36 -17.35 4.63
C PHE A 153 15.85 -17.53 4.72
N ARG A 154 15.13 -16.45 4.98
CA ARG A 154 13.64 -16.47 5.11
C ARG A 154 13.00 -16.88 3.79
N THR A 155 13.56 -16.42 2.66
CA THR A 155 13.08 -16.77 1.30
C THR A 155 13.25 -18.27 1.09
N PHE A 156 14.42 -18.83 1.40
CA PHE A 156 14.72 -20.27 1.20
C PHE A 156 13.80 -21.10 2.08
N ILE A 157 13.63 -20.70 3.33
CA ILE A 157 12.74 -21.45 4.28
C ILE A 157 11.32 -21.44 3.75
N ALA A 158 10.80 -20.26 3.42
CA ALA A 158 9.41 -20.06 2.94
C ALA A 158 9.16 -20.95 1.71
N ARG A 159 10.10 -20.98 0.76
CA ARG A 159 9.95 -21.76 -0.51
C ARG A 159 10.09 -23.26 -0.20
N GLU A 160 10.91 -23.64 0.78
CA GLU A 160 11.07 -25.07 1.19
C GLU A 160 9.74 -25.58 1.76
N LEU A 161 9.02 -24.76 2.52
CA LEU A 161 7.81 -25.21 3.27
C LEU A 161 6.56 -24.87 2.47
N ASN A 162 6.72 -24.05 1.43
CA ASN A 162 5.60 -23.43 0.66
C ASN A 162 4.68 -22.63 1.62
N VAL A 163 5.24 -21.71 2.38
CA VAL A 163 4.46 -20.82 3.29
C VAL A 163 4.75 -19.37 2.93
N SER A 164 3.86 -18.48 3.38
CA SER A 164 3.95 -17.00 3.27
C SER A 164 5.31 -16.48 3.69
N PHE A 165 5.84 -15.61 2.84
CA PHE A 165 7.07 -14.82 3.08
C PHE A 165 6.91 -13.90 4.29
N GLU A 166 5.68 -13.49 4.60
CA GLU A 166 5.34 -12.61 5.74
C GLU A 166 5.53 -13.35 7.06
N ASP A 167 5.48 -14.69 7.09
CA ASP A 167 5.42 -15.44 8.38
C ASP A 167 6.73 -16.19 8.69
N VAL A 168 7.78 -16.00 7.88
CA VAL A 168 9.10 -16.60 8.19
C VAL A 168 10.04 -15.48 8.65
N HIS A 169 10.66 -15.67 9.81
CA HIS A 169 11.50 -14.66 10.50
C HIS A 169 12.84 -15.32 10.84
N ALA A 170 13.93 -14.58 10.72
CA ALA A 170 15.28 -15.07 11.10
C ALA A 170 16.14 -13.91 11.54
N LEU A 171 16.75 -14.01 12.71
CA LEU A 171 17.83 -13.09 13.10
C LEU A 171 19.17 -13.74 12.72
N VAL A 172 20.04 -12.98 12.06
CA VAL A 172 21.40 -13.42 11.66
C VAL A 172 22.40 -12.39 12.20
N LEU A 173 23.45 -12.82 12.90
CA LEU A 173 24.48 -11.90 13.41
C LEU A 173 25.66 -11.89 12.44
N GLY A 174 26.62 -11.00 12.66
CA GLY A 174 27.87 -10.97 11.88
C GLY A 174 27.65 -10.50 10.45
N GLY A 175 28.59 -10.84 9.57
CA GLY A 175 28.67 -10.32 8.18
C GLY A 175 28.26 -11.39 7.20
N HIS A 176 28.58 -11.23 5.91
CA HIS A 176 28.29 -12.19 4.82
C HIS A 176 29.24 -13.41 4.90
N GLY A 177 28.85 -14.51 4.26
CA GLY A 177 29.72 -15.68 4.03
C GLY A 177 30.18 -16.29 5.33
N ASP A 178 31.51 -16.42 5.53
CA ASP A 178 32.11 -17.18 6.65
C ASP A 178 31.92 -16.44 7.97
N SER A 179 31.74 -15.11 7.91
CA SER A 179 31.55 -14.24 9.10
C SER A 179 30.11 -14.31 9.60
N MET A 180 29.18 -14.83 8.80
CA MET A 180 27.75 -14.91 9.17
C MET A 180 27.55 -15.86 10.36
N VAL A 181 26.67 -15.46 11.29
CA VAL A 181 26.26 -16.28 12.47
C VAL A 181 24.76 -16.56 12.35
N PRO A 182 24.35 -17.69 11.73
CA PRO A 182 22.95 -18.06 11.64
C PRO A 182 22.50 -18.48 13.04
N LEU A 183 21.21 -18.38 13.35
CA LEU A 183 20.72 -18.66 14.71
C LEU A 183 19.43 -19.46 14.59
N PRO A 184 19.49 -20.80 14.49
CA PRO A 184 18.28 -21.59 14.26
C PRO A 184 17.22 -21.36 15.34
N ARG A 185 17.65 -21.17 16.58
CA ARG A 185 16.78 -20.86 17.75
C ARG A 185 16.09 -19.49 17.60
N TYR A 186 16.61 -18.58 16.76
CA TYR A 186 16.05 -17.21 16.55
C TYR A 186 15.39 -17.15 15.17
N THR A 187 14.94 -18.30 14.67
CA THR A 187 14.43 -18.49 13.27
C THR A 187 13.07 -19.17 13.39
N HIS A 188 11.99 -18.52 12.96
CA HIS A 188 10.65 -19.10 13.21
CA HIS A 188 10.59 -18.95 13.26
C HIS A 188 9.71 -18.94 12.00
N VAL A 189 8.67 -19.74 12.02
CA VAL A 189 7.59 -19.79 11.01
C VAL A 189 6.28 -19.68 11.76
N GLY A 190 5.62 -18.52 11.69
CA GLY A 190 4.34 -18.26 12.40
C GLY A 190 4.52 -18.41 13.90
N GLY A 191 5.72 -18.12 14.43
CA GLY A 191 6.07 -18.34 15.84
C GLY A 191 6.70 -19.69 16.14
N ILE A 192 6.63 -20.67 15.21
CA ILE A 192 7.16 -22.04 15.45
C ILE A 192 8.64 -22.09 15.12
N PRO A 193 9.52 -22.47 16.06
CA PRO A 193 10.94 -22.60 15.76
C PRO A 193 11.13 -23.53 14.56
N VAL A 194 11.96 -23.13 13.59
CA VAL A 194 12.10 -23.84 12.28
C VAL A 194 12.63 -25.25 12.50
N THR A 195 13.36 -25.47 13.59
CA THR A 195 13.88 -26.83 13.94
C THR A 195 12.73 -27.81 14.16
N GLN A 196 11.51 -27.35 14.45
CA GLN A 196 10.34 -28.28 14.52
C GLN A 196 9.74 -28.56 13.13
N LEU A 197 10.19 -27.91 12.05
CA LEU A 197 9.44 -27.94 10.76
C LEU A 197 10.32 -28.48 9.62
N LEU A 198 11.64 -28.51 9.82
CA LEU A 198 12.61 -28.96 8.80
C LEU A 198 13.66 -29.78 9.51
N PRO A 199 14.15 -30.87 8.90
CA PRO A 199 15.24 -31.63 9.49
C PRO A 199 16.54 -30.82 9.49
N LYS A 200 17.43 -31.17 10.40
CA LYS A 200 18.69 -30.44 10.62
C LYS A 200 19.48 -30.38 9.31
N GLU A 201 19.57 -31.49 8.59
CA GLU A 201 20.23 -31.48 7.24
CA GLU A 201 20.22 -31.56 7.22
C GLU A 201 19.77 -30.40 6.20
N LYS A 202 18.45 -30.27 6.17
CA LYS A 202 17.85 -29.25 5.28
C LYS A 202 18.19 -27.86 5.82
N ILE A 203 18.10 -27.66 7.14
CA ILE A 203 18.42 -26.33 7.71
C ILE A 203 19.88 -26.03 7.35
N ASP A 204 20.77 -27.00 7.58
CA ASP A 204 22.22 -26.82 7.33
C ASP A 204 22.43 -26.41 5.88
N GLU A 205 21.69 -27.03 4.95
CA GLU A 205 21.71 -26.72 3.50
C GLU A 205 21.23 -25.28 3.25
N LEU A 206 20.10 -24.86 3.81
CA LEU A 206 19.58 -23.48 3.59
C LEU A 206 20.55 -22.46 4.21
N VAL A 207 21.25 -22.83 5.28
CA VAL A 207 22.29 -21.95 5.88
C VAL A 207 23.43 -21.80 4.88
N ARG A 208 23.92 -22.89 4.28
CA ARG A 208 25.06 -22.85 3.31
C ARG A 208 24.63 -22.00 2.12
N ARG A 209 23.38 -22.15 1.69
CA ARG A 209 22.90 -21.36 0.53
C ARG A 209 22.86 -19.87 0.92
N THR A 210 22.57 -19.56 2.17
CA THR A 210 22.52 -18.15 2.66
C THR A 210 23.94 -17.60 2.68
N ARG A 211 24.92 -18.33 3.25
CA ARG A 211 26.34 -17.89 3.32
C ARG A 211 26.79 -17.55 1.90
N ASP A 212 26.40 -18.37 0.93
CA ASP A 212 26.76 -18.24 -0.51
C ASP A 212 25.78 -17.38 -1.34
N GLY A 213 24.70 -16.83 -0.76
CA GLY A 213 23.60 -16.20 -1.52
C GLY A 213 24.08 -15.11 -2.48
N GLY A 214 24.99 -14.26 -2.01
CA GLY A 214 25.57 -13.14 -2.78
C GLY A 214 26.25 -13.65 -4.05
N ALA A 215 27.12 -14.65 -3.87
CA ALA A 215 27.94 -15.26 -4.95
C ALA A 215 27.00 -15.99 -5.90
N GLU A 216 25.94 -16.63 -5.39
CA GLU A 216 24.93 -17.34 -6.23
C GLU A 216 24.34 -16.35 -7.24
N ILE A 217 23.93 -15.15 -6.81
CA ILE A 217 23.29 -14.16 -7.74
C ILE A 217 24.35 -13.74 -8.76
N VAL A 218 25.59 -13.55 -8.31
CA VAL A 218 26.72 -13.08 -9.19
C VAL A 218 26.92 -14.15 -10.27
N ARG A 219 26.85 -15.44 -9.91
CA ARG A 219 27.09 -16.55 -10.87
C ARG A 219 25.99 -16.49 -11.94
N LEU A 220 24.74 -16.21 -11.56
CA LEU A 220 23.60 -16.26 -12.50
C LEU A 220 23.63 -15.02 -13.41
N LEU A 221 23.83 -13.83 -12.86
CA LEU A 221 23.81 -12.56 -13.63
C LEU A 221 25.08 -12.44 -14.50
N LYS A 222 26.22 -12.95 -14.00
CA LYS A 222 27.56 -13.07 -14.68
C LYS A 222 28.25 -11.70 -14.76
N THR A 223 27.55 -10.65 -15.16
CA THR A 223 27.97 -9.26 -14.90
C THR A 223 27.15 -8.72 -13.73
N GLY A 224 27.81 -8.07 -12.78
CA GLY A 224 27.14 -7.33 -11.69
C GLY A 224 26.60 -8.22 -10.59
N SER A 225 26.06 -7.60 -9.55
CA SER A 225 25.64 -8.29 -8.30
C SER A 225 24.17 -8.00 -8.04
N ALA A 226 23.64 -8.60 -6.98
CA ALA A 226 22.23 -8.48 -6.56
C ALA A 226 21.96 -7.01 -6.32
N PHE A 227 20.72 -6.57 -6.55
CA PHE A 227 20.31 -5.14 -6.42
C PHE A 227 18.90 -5.03 -5.82
N PHE A 228 17.94 -5.90 -6.16
CA PHE A 228 16.55 -5.76 -5.63
C PHE A 228 16.53 -5.94 -4.09
N ALA A 229 17.06 -7.05 -3.58
CA ALA A 229 16.99 -7.39 -2.15
C ALA A 229 17.92 -6.50 -1.33
N PRO A 230 19.19 -6.24 -1.78
CA PRO A 230 20.05 -5.31 -1.04
C PRO A 230 19.33 -3.96 -0.96
N GLY A 231 18.68 -3.56 -2.08
CA GLY A 231 17.88 -2.32 -2.20
C GLY A 231 16.75 -2.27 -1.20
N ALA A 232 15.97 -3.35 -1.07
CA ALA A 232 14.86 -3.46 -0.10
C ALA A 232 15.39 -3.42 1.34
N ALA A 233 16.47 -4.15 1.66
CA ALA A 233 17.09 -4.20 3.01
C ALA A 233 17.48 -2.77 3.44
N MET A 234 18.14 -2.00 2.57
CA MET A 234 18.52 -0.60 2.85
C MET A 234 17.27 0.28 2.97
N ALA A 235 16.25 0.08 2.11
CA ALA A 235 14.98 0.84 2.18
C ALA A 235 14.32 0.65 3.56
N GLU A 236 14.35 -0.58 4.10
CA GLU A 236 13.76 -0.92 5.42
CA GLU A 236 13.75 -0.90 5.43
C GLU A 236 14.46 -0.09 6.51
N MET A 237 15.79 0.00 6.43
CA MET A 237 16.60 0.79 7.41
C MET A 237 16.32 2.28 7.25
N VAL A 238 16.22 2.79 6.03
CA VAL A 238 15.99 4.24 5.81
C VAL A 238 14.62 4.59 6.44
N GLU A 239 13.62 3.78 6.12
CA GLU A 239 12.23 4.01 6.58
C GLU A 239 12.18 3.91 8.11
N ALA A 240 12.90 2.96 8.70
CA ALA A 240 12.89 2.77 10.17
C ALA A 240 13.29 4.10 10.84
N ILE A 241 14.25 4.81 10.25
CA ILE A 241 14.77 6.07 10.86
C ILE A 241 13.73 7.18 10.63
N LEU A 242 13.23 7.34 9.40
CA LEU A 242 12.45 8.55 8.99
C LEU A 242 11.07 8.50 9.61
N ARG A 243 10.54 7.31 9.86
CA ARG A 243 9.23 7.15 10.53
C ARG A 243 9.39 6.68 11.97
N ASP A 244 10.60 6.71 12.53
CA ASP A 244 10.84 6.29 13.94
C ASP A 244 10.09 4.98 14.24
N ARG A 245 10.26 3.95 13.42
CA ARG A 245 9.51 2.68 13.62
C ARG A 245 10.04 1.87 14.81
N LYS A 246 11.31 2.03 15.19
CA LYS A 246 11.96 1.21 16.25
C LYS A 246 11.84 -0.28 15.85
N ARG A 247 12.25 -0.56 14.62
CA ARG A 247 12.38 -1.91 14.05
C ARG A 247 13.49 -2.64 14.82
N VAL A 248 13.36 -3.94 14.93
CA VAL A 248 14.34 -4.81 15.64
C VAL A 248 15.01 -5.63 14.56
N LEU A 249 16.21 -5.23 14.16
CA LEU A 249 16.85 -5.69 12.91
C LEU A 249 18.33 -5.93 13.16
N PRO A 250 18.94 -6.93 12.45
CA PRO A 250 20.40 -7.08 12.43
C PRO A 250 21.02 -6.02 11.53
N VAL A 251 21.84 -5.17 12.14
CA VAL A 251 22.62 -4.13 11.43
C VAL A 251 24.06 -4.10 11.99
N SER A 252 24.98 -3.60 11.16
CA SER A 252 26.38 -3.36 11.57
C SER A 252 26.37 -2.07 12.39
N ALA A 253 26.74 -2.18 13.66
CA ALA A 253 26.72 -1.11 14.68
C ALA A 253 28.04 -1.13 15.43
N TYR A 254 28.42 0.02 15.92
CA TYR A 254 29.67 0.25 16.65
C TYR A 254 29.46 -0.24 18.07
N LEU A 255 30.38 -1.10 18.51
CA LEU A 255 30.34 -1.76 19.84
C LEU A 255 31.31 -1.05 20.76
N GLU A 256 30.89 -0.88 21.99
CA GLU A 256 31.70 -0.27 23.09
C GLU A 256 31.48 -1.16 24.31
N GLY A 257 31.61 -2.49 24.14
CA GLY A 257 31.50 -3.49 25.24
C GLY A 257 30.55 -4.61 24.90
N GLU A 258 29.52 -4.32 24.09
CA GLU A 258 28.42 -5.28 23.76
C GLU A 258 29.04 -6.51 23.12
N TYR A 259 28.49 -7.69 23.38
CA TYR A 259 28.98 -9.00 22.87
C TYR A 259 30.46 -9.18 23.25
N GLY A 260 30.97 -8.46 24.26
CA GLY A 260 32.37 -8.63 24.75
C GLY A 260 33.39 -7.88 23.90
N GLU A 261 32.96 -6.98 23.01
CA GLU A 261 33.84 -6.32 22.02
C GLU A 261 33.71 -4.81 22.14
N SER A 262 34.81 -4.11 21.92
CA SER A 262 34.86 -2.62 21.86
CA SER A 262 34.85 -2.63 21.86
C SER A 262 35.68 -2.19 20.63
N GLY A 263 35.32 -1.07 20.02
CA GLY A 263 36.15 -0.44 18.98
C GLY A 263 35.95 -1.06 17.61
N ILE A 264 34.90 -1.85 17.42
CA ILE A 264 34.59 -2.39 16.06
C ILE A 264 33.09 -2.24 15.78
N PHE A 265 32.75 -2.30 14.50
CA PHE A 265 31.39 -2.57 14.03
C PHE A 265 31.26 -4.09 13.83
N MET A 266 30.13 -4.64 14.29
CA MET A 266 29.69 -6.03 14.05
C MET A 266 28.20 -6.02 13.76
N GLY A 267 27.74 -7.04 13.04
CA GLY A 267 26.32 -7.36 12.82
C GLY A 267 25.69 -7.82 14.11
N VAL A 268 24.83 -6.98 14.67
CA VAL A 268 24.13 -7.24 15.97
C VAL A 268 22.68 -6.84 15.83
N PRO A 269 21.78 -7.40 16.68
CA PRO A 269 20.39 -6.95 16.75
C PRO A 269 20.30 -5.55 17.35
N VAL A 270 19.62 -4.65 16.67
CA VAL A 270 19.42 -3.27 17.17
C VAL A 270 17.95 -2.92 17.15
N VAL A 271 17.60 -1.89 17.90
CA VAL A 271 16.35 -1.11 17.69
C VAL A 271 16.79 0.07 16.85
N LEU A 272 16.27 0.17 15.63
CA LEU A 272 16.55 1.27 14.68
C LEU A 272 15.33 2.20 14.62
N GLY A 273 15.51 3.44 15.01
CA GLY A 273 14.43 4.43 15.01
C GLY A 273 14.89 5.80 14.62
N GLY A 274 14.08 6.78 15.03
CA GLY A 274 14.26 8.20 14.72
C GLY A 274 15.58 8.73 15.24
N ASN A 275 16.25 8.06 16.21
CA ASN A 275 17.62 8.44 16.70
C ASN A 275 18.67 7.41 16.26
N GLY A 276 18.45 6.73 15.13
CA GLY A 276 19.39 5.73 14.59
C GLY A 276 19.43 4.50 15.48
N ILE A 277 20.62 4.03 15.81
CA ILE A 277 20.84 2.87 16.71
C ILE A 277 20.44 3.35 18.11
N GLU A 278 19.25 2.96 18.57
CA GLU A 278 18.73 3.37 19.90
C GLU A 278 19.13 2.32 20.94
N LYS A 279 19.32 1.08 20.53
CA LYS A 279 19.71 0.02 21.48
C LYS A 279 20.41 -1.09 20.71
N ILE A 280 21.28 -1.79 21.42
CA ILE A 280 21.90 -3.06 20.95
C ILE A 280 21.40 -4.11 21.92
N LEU A 281 20.75 -5.14 21.39
CA LEU A 281 20.18 -6.21 22.22
C LEU A 281 21.21 -7.34 22.32
N GLU A 282 21.56 -7.74 23.54
CA GLU A 282 22.56 -8.80 23.82
C GLU A 282 21.78 -10.10 24.10
N ILE A 283 21.79 -10.98 23.12
CA ILE A 283 20.98 -12.22 23.06
C ILE A 283 21.82 -13.38 23.60
N GLU A 284 21.15 -14.45 23.97
CA GLU A 284 21.76 -15.75 24.37
C GLU A 284 22.36 -16.42 23.15
N LEU A 285 23.66 -16.71 23.24
CA LEU A 285 24.45 -17.46 22.22
C LEU A 285 24.91 -18.78 22.83
N THR A 286 24.87 -19.86 22.07
CA THR A 286 25.59 -21.12 22.42
C THR A 286 27.11 -20.85 22.43
N ASP A 287 27.89 -21.76 23.00
CA ASP A 287 29.36 -21.69 23.00
C ASP A 287 29.85 -21.50 21.56
N GLU A 288 29.35 -22.31 20.62
CA GLU A 288 29.80 -22.28 19.21
C GLU A 288 29.49 -20.91 18.61
N GLU A 289 28.28 -20.35 18.81
CA GLU A 289 27.91 -19.03 18.23
C GLU A 289 28.81 -17.95 18.84
N ARG A 290 29.01 -17.99 20.17
CA ARG A 290 29.82 -16.98 20.88
C ARG A 290 31.24 -17.05 20.30
N GLN A 291 31.72 -18.26 20.06
CA GLN A 291 33.12 -18.48 19.62
C GLN A 291 33.29 -17.99 18.17
N ALA A 292 32.31 -18.23 17.34
CA ALA A 292 32.32 -17.81 15.91
C ALA A 292 32.26 -16.28 15.86
N PHE A 293 31.44 -15.66 16.69
CA PHE A 293 31.29 -14.17 16.73
C PHE A 293 32.61 -13.56 17.21
N ALA A 294 33.23 -14.12 18.26
CA ALA A 294 34.54 -13.67 18.77
C ALA A 294 35.64 -13.76 17.71
N ARG A 295 35.68 -14.85 16.94
CA ARG A 295 36.68 -15.08 15.87
CA ARG A 295 36.68 -15.08 15.87
C ARG A 295 36.52 -14.00 14.79
N SER A 296 35.29 -13.78 14.35
CA SER A 296 34.99 -12.71 13.35
C SER A 296 35.39 -11.35 13.93
N ALA A 297 35.07 -11.10 15.20
CA ALA A 297 35.43 -9.81 15.85
C ALA A 297 36.95 -9.59 15.80
N ALA A 298 37.72 -10.62 16.15
CA ALA A 298 39.20 -10.59 16.21
C ALA A 298 39.71 -10.26 14.81
N ASP A 299 39.07 -10.86 13.80
CA ASP A 299 39.44 -10.68 12.38
C ASP A 299 39.16 -9.23 11.94
N VAL A 300 38.00 -8.70 12.31
CA VAL A 300 37.64 -7.30 11.97
C VAL A 300 38.61 -6.35 12.67
N ARG A 301 38.84 -6.55 13.96
CA ARG A 301 39.75 -5.70 14.77
C ARG A 301 41.14 -5.65 14.09
N GLN A 302 41.68 -6.80 13.66
CA GLN A 302 43.01 -6.90 13.02
C GLN A 302 42.99 -6.12 11.70
N THR A 303 41.91 -6.20 10.93
CA THR A 303 41.82 -5.47 9.64
C THR A 303 41.83 -3.96 9.91
N LEU A 304 41.08 -3.48 10.90
CA LEU A 304 41.05 -2.05 11.32
C LEU A 304 42.47 -1.59 11.72
N SER A 305 43.26 -2.42 12.41
CA SER A 305 44.58 -2.02 12.99
C SER A 305 45.54 -1.63 11.86
N LYS A 306 45.29 -2.05 10.63
CA LYS A 306 46.22 -1.81 9.50
C LYS A 306 45.79 -0.60 8.67
N LEU A 307 44.63 0.01 8.93
CA LEU A 307 44.15 1.18 8.16
C LEU A 307 44.75 2.46 8.77
N ASP A 308 44.85 3.54 7.98
CA ASP A 308 45.26 4.89 8.46
C ASP A 308 43.99 5.74 8.70
N LEU A 309 43.53 5.79 9.95
CA LEU A 309 42.36 6.59 10.41
C LEU A 309 42.04 6.22 11.87
N MET B 1 -8.42 -18.39 -4.99
N MET B 1 -8.84 -21.42 -4.78
CA MET B 1 -8.10 -19.86 -4.88
CA MET B 1 -8.32 -20.11 -5.25
C MET B 1 -6.72 -20.16 -5.48
C MET B 1 -6.83 -20.27 -5.58
N LYS B 2 -6.35 -19.60 -6.64
CA LYS B 2 -4.94 -19.67 -7.11
C LYS B 2 -4.55 -18.32 -7.75
N ARG B 3 -3.31 -17.90 -7.57
CA ARG B 3 -2.90 -16.56 -8.06
C ARG B 3 -2.78 -16.66 -9.57
N PRO B 4 -3.12 -15.61 -10.32
CA PRO B 4 -2.87 -15.61 -11.75
C PRO B 4 -1.37 -15.64 -12.06
N LYS B 5 -1.04 -15.85 -13.32
CA LYS B 5 0.33 -16.06 -13.81
C LYS B 5 0.64 -15.04 -14.92
N VAL B 6 1.76 -14.33 -14.76
CA VAL B 6 2.26 -13.35 -15.77
C VAL B 6 3.65 -13.76 -16.19
N SER B 7 3.87 -13.86 -17.50
CA SER B 7 5.19 -14.09 -18.13
C SER B 7 5.63 -12.80 -18.82
N ILE B 8 6.89 -12.50 -18.64
CA ILE B 8 7.55 -11.29 -19.18
C ILE B 8 8.67 -11.81 -20.05
N VAL B 9 8.59 -11.54 -21.35
CA VAL B 9 9.64 -11.97 -22.29
C VAL B 9 10.58 -10.80 -22.46
N GLY B 10 11.85 -10.99 -22.09
CA GLY B 10 12.86 -9.91 -22.03
C GLY B 10 13.10 -9.54 -20.57
N ALA B 11 14.20 -10.01 -19.99
CA ALA B 11 14.56 -9.80 -18.56
C ALA B 11 15.60 -8.68 -18.45
N GLY B 12 15.63 -7.76 -19.43
CA GLY B 12 16.44 -6.52 -19.40
C GLY B 12 15.91 -5.54 -18.35
N ASN B 13 16.33 -4.28 -18.40
CA ASN B 13 16.00 -3.30 -17.35
C ASN B 13 14.47 -3.13 -17.30
N THR B 14 13.82 -3.04 -18.45
CA THR B 14 12.36 -2.78 -18.52
C THR B 14 11.57 -4.00 -18.05
N GLY B 15 11.99 -5.18 -18.47
CA GLY B 15 11.33 -6.43 -18.04
C GLY B 15 11.47 -6.61 -16.54
N ALA B 16 12.66 -6.40 -15.99
CA ALA B 16 12.94 -6.54 -14.55
C ALA B 16 12.22 -5.44 -13.75
N ALA B 17 12.14 -4.19 -14.24
CA ALA B 17 11.35 -3.09 -13.60
C ALA B 17 9.88 -3.49 -13.58
N LEU B 18 9.37 -4.06 -14.66
CA LEU B 18 7.95 -4.46 -14.72
C LEU B 18 7.70 -5.51 -13.63
N ALA B 19 8.59 -6.50 -13.49
CA ALA B 19 8.46 -7.59 -12.50
C ALA B 19 8.41 -6.96 -11.11
N HIS B 20 9.26 -5.97 -10.85
CA HIS B 20 9.30 -5.21 -9.56
C HIS B 20 7.95 -4.53 -9.29
N TRP B 21 7.46 -3.73 -10.23
CA TRP B 21 6.15 -3.04 -10.10
C TRP B 21 5.07 -4.09 -9.85
N LEU B 22 5.09 -5.23 -10.55
CA LEU B 22 3.97 -6.20 -10.41
C LEU B 22 4.05 -6.88 -9.04
N ALA B 23 5.26 -7.20 -8.57
CA ALA B 23 5.46 -7.90 -7.28
C ALA B 23 4.83 -7.09 -6.17
N ILE B 24 5.11 -5.79 -6.11
CA ILE B 24 4.60 -4.92 -5.02
C ILE B 24 3.07 -4.85 -5.08
N LYS B 25 2.40 -4.97 -6.24
CA LYS B 25 0.92 -4.91 -6.30
CA LYS B 25 0.93 -4.94 -6.39
C LYS B 25 0.32 -6.27 -5.91
N GLN B 26 1.16 -7.29 -5.71
CA GLN B 26 0.66 -8.62 -5.27
C GLN B 26 -0.42 -9.13 -6.26
N VAL B 27 -0.17 -9.00 -7.56
CA VAL B 27 -1.23 -9.23 -8.57
C VAL B 27 -1.10 -10.63 -9.16
N ALA B 28 0.10 -11.21 -9.23
CA ALA B 28 0.32 -12.51 -9.91
C ALA B 28 1.67 -13.09 -9.52
N ASP B 29 1.82 -14.40 -9.75
CA ASP B 29 3.13 -15.04 -9.88
C ASP B 29 3.72 -14.57 -11.22
N ILE B 30 5.04 -14.53 -11.29
CA ILE B 30 5.78 -13.89 -12.43
C ILE B 30 6.83 -14.88 -12.92
N VAL B 31 6.87 -15.09 -14.24
CA VAL B 31 7.98 -15.79 -14.92
C VAL B 31 8.68 -14.79 -15.83
N LEU B 32 9.98 -14.65 -15.65
CA LEU B 32 10.89 -13.83 -16.48
C LEU B 32 11.58 -14.77 -17.46
N VAL B 33 11.43 -14.50 -18.75
CA VAL B 33 12.00 -15.36 -19.81
C VAL B 33 12.95 -14.52 -20.64
N ASP B 34 14.11 -15.07 -20.98
CA ASP B 34 15.18 -14.40 -21.75
C ASP B 34 16.07 -15.50 -22.36
N VAL B 35 16.73 -15.19 -23.48
CA VAL B 35 17.68 -16.12 -24.14
C VAL B 35 18.95 -16.17 -23.31
N VAL B 36 19.32 -15.09 -22.63
CA VAL B 36 20.64 -15.09 -21.94
C VAL B 36 20.55 -16.00 -20.71
N GLU B 37 21.44 -17.00 -20.63
CA GLU B 37 21.46 -18.03 -19.57
C GLU B 37 21.88 -17.40 -18.23
N GLY B 38 21.14 -17.72 -17.16
CA GLY B 38 21.44 -17.22 -15.80
C GLY B 38 20.77 -15.87 -15.50
N MET B 39 20.58 -15.00 -16.48
CA MET B 39 20.14 -13.59 -16.25
C MET B 39 18.72 -13.57 -15.66
N PRO B 40 17.66 -14.06 -16.32
CA PRO B 40 16.31 -13.99 -15.73
C PRO B 40 16.23 -14.78 -14.41
N GLN B 41 16.95 -15.92 -14.32
CA GLN B 41 17.01 -16.74 -13.09
C GLN B 41 17.53 -15.86 -11.94
N GLY B 42 18.58 -15.08 -12.16
CA GLY B 42 19.18 -14.26 -11.10
C GLY B 42 18.30 -13.07 -10.74
N LYS B 43 17.74 -12.35 -11.72
CA LYS B 43 16.87 -11.20 -11.41
C LYS B 43 15.63 -11.70 -10.66
N ALA B 44 15.07 -12.84 -11.05
CA ALA B 44 13.87 -13.42 -10.44
C ALA B 44 14.16 -13.77 -8.97
N LEU B 45 15.25 -14.48 -8.70
CA LEU B 45 15.58 -14.91 -7.33
C LEU B 45 15.87 -13.65 -6.49
N ASP B 46 16.65 -12.73 -7.03
CA ASP B 46 16.98 -11.43 -6.37
C ASP B 46 15.68 -10.75 -5.94
N LEU B 47 14.74 -10.55 -6.87
CA LEU B 47 13.45 -9.88 -6.56
C LEU B 47 12.67 -10.69 -5.50
N MET B 48 12.57 -12.00 -5.66
CA MET B 48 11.77 -12.79 -4.67
C MET B 48 12.40 -12.68 -3.27
N GLN B 49 13.73 -12.52 -3.20
CA GLN B 49 14.50 -12.42 -1.93
C GLN B 49 14.19 -11.09 -1.20
N SER B 50 13.51 -10.18 -1.88
CA SER B 50 13.00 -8.93 -1.26
CA SER B 50 12.96 -8.92 -1.31
C SER B 50 11.63 -9.20 -0.59
N ALA B 51 10.97 -10.33 -0.88
CA ALA B 51 9.57 -10.58 -0.45
C ALA B 51 9.44 -10.55 1.08
N PRO B 52 10.29 -11.22 1.88
CA PRO B 52 10.13 -11.20 3.34
C PRO B 52 10.24 -9.79 3.94
N VAL B 53 11.04 -8.93 3.32
CA VAL B 53 11.31 -7.53 3.78
CA VAL B 53 11.23 -7.57 3.91
C VAL B 53 10.15 -6.62 3.39
N GLU B 54 9.60 -6.83 2.19
CA GLU B 54 8.66 -5.87 1.57
C GLU B 54 7.22 -6.31 1.76
N GLY B 55 6.98 -7.53 2.24
CA GLY B 55 5.62 -7.95 2.63
C GLY B 55 4.86 -8.74 1.57
N PHE B 56 5.35 -8.89 0.33
CA PHE B 56 4.52 -9.42 -0.79
C PHE B 56 4.67 -10.95 -0.92
N ASP B 57 3.55 -11.61 -1.25
CA ASP B 57 3.45 -13.08 -1.48
C ASP B 57 3.21 -13.33 -2.97
N VAL B 58 4.28 -13.34 -3.76
CA VAL B 58 4.26 -13.85 -5.16
C VAL B 58 5.58 -14.54 -5.38
N VAL B 59 5.52 -15.59 -6.19
CA VAL B 59 6.70 -16.37 -6.63
C VAL B 59 7.15 -15.77 -7.96
N ILE B 60 8.43 -15.38 -8.03
CA ILE B 60 9.12 -14.92 -9.27
C ILE B 60 10.17 -15.96 -9.65
N THR B 61 10.04 -16.55 -10.84
CA THR B 61 11.02 -17.54 -11.39
C THR B 61 11.55 -17.02 -12.73
N GLY B 62 12.71 -17.52 -13.12
CA GLY B 62 13.37 -17.22 -14.41
C GLY B 62 13.52 -18.47 -15.26
N SER B 63 13.42 -18.31 -16.58
CA SER B 63 13.69 -19.41 -17.55
C SER B 63 14.34 -18.87 -18.82
N ASN B 64 15.05 -19.75 -19.53
CA ASN B 64 15.51 -19.56 -20.92
C ASN B 64 14.60 -20.39 -21.86
N ASP B 65 13.52 -20.97 -21.33
CA ASP B 65 12.62 -21.91 -22.05
C ASP B 65 11.20 -21.35 -22.03
N TYR B 66 10.60 -21.10 -23.20
CA TYR B 66 9.19 -20.65 -23.38
C TYR B 66 8.21 -21.61 -22.71
N ALA B 67 8.60 -22.88 -22.49
CA ALA B 67 7.72 -23.86 -21.82
C ALA B 67 7.34 -23.35 -20.42
N ALA B 68 8.24 -22.60 -19.77
CA ALA B 68 7.99 -22.10 -18.39
C ALA B 68 6.82 -21.09 -18.41
N THR B 69 6.41 -20.57 -19.58
CA THR B 69 5.31 -19.58 -19.71
C THR B 69 3.95 -20.27 -19.83
N ALA B 70 3.87 -21.60 -19.86
CA ALA B 70 2.61 -22.31 -20.15
C ALA B 70 1.55 -21.84 -19.16
N GLY B 71 0.30 -21.64 -19.60
CA GLY B 71 -0.85 -21.30 -18.75
C GLY B 71 -0.75 -19.90 -18.15
N SER B 72 -0.09 -18.95 -18.83
CA SER B 72 -0.06 -17.51 -18.43
C SER B 72 -1.43 -16.87 -18.73
N ASP B 73 -1.91 -16.05 -17.79
CA ASP B 73 -3.08 -15.15 -17.99
C ASP B 73 -2.67 -13.96 -18.86
N VAL B 74 -1.48 -13.42 -18.64
CA VAL B 74 -1.01 -12.21 -19.38
C VAL B 74 0.44 -12.48 -19.74
N VAL B 75 0.82 -12.15 -20.97
CA VAL B 75 2.21 -12.28 -21.46
C VAL B 75 2.62 -10.91 -22.01
N VAL B 76 3.73 -10.40 -21.50
CA VAL B 76 4.26 -9.07 -21.86
C VAL B 76 5.53 -9.29 -22.68
N ILE B 77 5.61 -8.66 -23.86
CA ILE B 77 6.83 -8.76 -24.70
C ILE B 77 7.59 -7.45 -24.58
N THR B 78 8.76 -7.48 -23.93
CA THR B 78 9.59 -6.26 -23.70
C THR B 78 10.84 -6.32 -24.57
N ALA B 79 11.11 -7.47 -25.17
CA ALA B 79 12.29 -7.75 -26.01
C ALA B 79 12.22 -6.91 -27.30
N GLY B 80 13.38 -6.61 -27.86
CA GLY B 80 13.53 -5.92 -29.16
C GLY B 80 14.90 -5.30 -29.30
N ALA B 81 15.31 -4.93 -30.51
CA ALA B 81 16.54 -4.13 -30.78
C ALA B 81 16.21 -2.64 -30.73
N ALA B 82 17.17 -1.80 -30.32
CA ALA B 82 17.13 -0.34 -30.51
C ALA B 82 17.87 0.03 -31.82
N ARG B 83 17.50 1.16 -32.40
CA ARG B 83 18.11 1.67 -33.64
C ARG B 83 19.58 2.05 -33.34
N LYS B 84 20.53 1.34 -33.97
CA LYS B 84 21.97 1.72 -34.04
C LYS B 84 22.16 2.77 -35.13
N PRO B 85 22.94 3.85 -34.91
CA PRO B 85 23.48 4.63 -36.03
C PRO B 85 24.02 3.70 -37.15
N GLY B 86 23.69 4.02 -38.39
CA GLY B 86 23.96 3.17 -39.57
C GLY B 86 22.97 2.01 -39.65
N MET B 87 21.70 2.29 -39.38
CA MET B 87 20.56 1.32 -39.38
C MET B 87 19.30 2.09 -39.79
N SER B 88 18.67 1.68 -40.89
CA SER B 88 17.44 2.31 -41.44
C SER B 88 16.26 2.07 -40.47
N ARG B 89 15.20 2.88 -40.63
CA ARG B 89 13.91 2.66 -39.93
C ARG B 89 13.38 1.29 -40.36
N ASP B 90 13.49 0.97 -41.65
CA ASP B 90 13.07 -0.34 -42.23
C ASP B 90 13.89 -1.48 -41.63
N ASP B 91 15.17 -1.27 -41.33
CA ASP B 91 16.06 -2.32 -40.74
C ASP B 91 15.61 -2.63 -39.31
N LEU B 92 15.22 -1.60 -38.55
CA LEU B 92 14.62 -1.73 -37.19
C LEU B 92 13.34 -2.57 -37.29
N VAL B 93 12.42 -2.17 -38.17
CA VAL B 93 11.11 -2.87 -38.43
C VAL B 93 11.38 -4.33 -38.80
N ASN B 94 12.38 -4.61 -39.63
CA ASN B 94 12.64 -5.99 -40.12
C ASN B 94 13.21 -6.84 -38.98
N ILE B 95 14.19 -6.32 -38.25
CA ILE B 95 14.80 -7.03 -37.06
C ILE B 95 13.71 -7.30 -36.00
N ASN B 96 12.97 -6.27 -35.59
CA ASN B 96 11.98 -6.38 -34.48
C ASN B 96 10.80 -7.26 -34.95
N THR B 97 10.43 -7.20 -36.25
CA THR B 97 9.40 -8.09 -36.83
C THR B 97 9.77 -9.56 -36.60
N GLY B 98 10.99 -9.96 -36.94
CA GLY B 98 11.53 -11.32 -36.67
C GLY B 98 11.58 -11.62 -35.16
N ILE B 99 12.01 -10.68 -34.33
CA ILE B 99 11.99 -10.91 -32.83
C ILE B 99 10.55 -11.13 -32.35
N VAL B 100 9.61 -10.24 -32.67
CA VAL B 100 8.22 -10.33 -32.14
C VAL B 100 7.52 -11.57 -32.72
N ARG B 101 7.70 -11.85 -34.02
CA ARG B 101 7.13 -13.07 -34.65
C ARG B 101 7.55 -14.32 -33.87
N GLU B 102 8.83 -14.54 -33.64
CA GLU B 102 9.31 -15.79 -32.98
C GLU B 102 8.76 -15.88 -31.53
N ILE B 103 8.80 -14.77 -30.77
CA ILE B 103 8.32 -14.75 -29.37
C ILE B 103 6.83 -15.07 -29.37
N THR B 104 6.05 -14.41 -30.23
CA THR B 104 4.59 -14.58 -30.26
C THR B 104 4.18 -16.03 -30.57
N ALA B 105 4.86 -16.68 -31.51
CA ALA B 105 4.53 -18.06 -31.93
C ALA B 105 4.78 -18.98 -30.73
N GLN B 106 5.93 -18.84 -30.08
CA GLN B 106 6.25 -19.61 -28.85
C GLN B 106 5.19 -19.35 -27.75
N VAL B 107 4.90 -18.09 -27.41
CA VAL B 107 4.01 -17.81 -26.24
C VAL B 107 2.57 -18.19 -26.60
N ALA B 108 2.11 -17.93 -27.82
CA ALA B 108 0.73 -18.29 -28.22
C ALA B 108 0.56 -19.82 -28.16
N ARG B 109 1.62 -20.59 -28.41
CA ARG B 109 1.57 -22.06 -28.26
C ARG B 109 1.44 -22.45 -26.78
N TYR B 110 2.22 -21.87 -25.88
CA TYR B 110 2.22 -22.29 -24.45
C TYR B 110 1.03 -21.69 -23.69
N SER B 111 0.44 -20.62 -24.19
CA SER B 111 -0.72 -19.96 -23.51
C SER B 111 -1.71 -19.51 -24.57
N PRO B 112 -2.46 -20.45 -25.18
CA PRO B 112 -3.41 -20.11 -26.24
C PRO B 112 -4.48 -19.10 -25.81
N ASP B 113 -4.77 -18.98 -24.51
CA ASP B 113 -5.87 -18.11 -24.00
C ASP B 113 -5.34 -16.78 -23.45
N ALA B 114 -4.04 -16.52 -23.56
CA ALA B 114 -3.38 -15.35 -22.92
C ALA B 114 -3.89 -14.03 -23.51
N TYR B 115 -3.86 -13.00 -22.68
CA TYR B 115 -3.77 -11.57 -23.08
C TYR B 115 -2.30 -11.29 -23.42
N LEU B 116 -2.08 -10.55 -24.51
CA LEU B 116 -0.76 -10.23 -25.09
C LEU B 116 -0.59 -8.71 -25.04
N ILE B 117 0.41 -8.24 -24.29
CA ILE B 117 0.77 -6.79 -24.20
C ILE B 117 2.16 -6.64 -24.82
N VAL B 118 2.30 -5.77 -25.82
CA VAL B 118 3.59 -5.56 -26.53
C VAL B 118 4.20 -4.23 -26.09
N LEU B 119 5.52 -4.16 -26.03
CA LEU B 119 6.28 -2.90 -25.82
C LEU B 119 7.20 -2.60 -27.02
N THR B 120 7.62 -3.61 -27.77
CA THR B 120 8.65 -3.53 -28.85
C THR B 120 8.34 -2.38 -29.82
N ASN B 121 9.35 -1.55 -30.11
CA ASN B 121 9.31 -0.44 -31.09
CA ASN B 121 9.25 -0.44 -31.09
C ASN B 121 9.47 -0.99 -32.52
N PRO B 122 8.86 -0.39 -33.57
CA PRO B 122 7.84 0.66 -33.44
C PRO B 122 6.52 -0.03 -33.03
N LEU B 123 5.86 0.52 -32.02
CA LEU B 123 4.84 -0.19 -31.19
C LEU B 123 3.58 -0.54 -31.99
N ASP B 124 2.98 0.42 -32.69
CA ASP B 124 1.69 0.17 -33.43
C ASP B 124 1.87 -1.00 -34.41
N VAL B 125 3.04 -1.07 -35.06
CA VAL B 125 3.40 -2.09 -36.08
C VAL B 125 3.73 -3.41 -35.38
N MET B 126 4.52 -3.38 -34.32
CA MET B 126 4.86 -4.64 -33.59
C MET B 126 3.58 -5.27 -32.99
N CYS B 127 2.58 -4.47 -32.63
CA CYS B 127 1.27 -5.01 -32.17
C CYS B 127 0.59 -5.80 -33.31
N TYR B 128 0.62 -5.27 -34.53
CA TYR B 128 0.07 -5.96 -35.72
C TYR B 128 0.80 -7.28 -35.92
N VAL B 129 2.13 -7.27 -35.82
CA VAL B 129 2.90 -8.53 -35.94
C VAL B 129 2.37 -9.54 -34.93
N ALA B 130 2.30 -9.16 -33.65
CA ALA B 130 1.82 -10.05 -32.56
C ALA B 130 0.41 -10.56 -32.85
N TYR B 131 -0.46 -9.66 -33.30
CA TYR B 131 -1.88 -9.92 -33.62
C TYR B 131 -1.95 -11.04 -34.69
N LYS B 132 -1.23 -10.89 -35.79
CA LYS B 132 -1.30 -11.82 -36.95
C LYS B 132 -0.59 -13.13 -36.64
N VAL B 133 0.57 -13.12 -35.97
CA VAL B 133 1.30 -14.40 -35.65
C VAL B 133 0.56 -15.20 -34.57
N SER B 134 -0.02 -14.56 -33.55
CA SER B 134 -0.75 -15.24 -32.46
C SER B 134 -2.05 -15.83 -33.00
N GLY B 135 -2.74 -15.16 -33.91
CA GLY B 135 -4.11 -15.52 -34.33
C GLY B 135 -5.15 -15.21 -33.26
N PHE B 136 -4.79 -14.43 -32.22
CA PHE B 136 -5.69 -14.11 -31.10
C PHE B 136 -6.72 -13.11 -31.57
N PRO B 137 -7.96 -13.11 -31.00
CA PRO B 137 -8.93 -12.07 -31.31
C PRO B 137 -8.49 -10.70 -30.78
N LYS B 138 -9.04 -9.63 -31.36
CA LYS B 138 -8.49 -8.25 -31.20
C LYS B 138 -8.49 -7.81 -29.74
N HIS B 139 -9.47 -8.27 -28.94
CA HIS B 139 -9.62 -7.83 -27.53
C HIS B 139 -8.43 -8.31 -26.66
N ARG B 140 -7.59 -9.22 -27.19
CA ARG B 140 -6.54 -9.94 -26.43
C ARG B 140 -5.13 -9.47 -26.82
N VAL B 141 -5.00 -8.51 -27.73
CA VAL B 141 -3.65 -8.02 -28.19
C VAL B 141 -3.63 -6.50 -28.11
N MET B 142 -2.62 -5.98 -27.44
CA MET B 142 -2.52 -4.52 -27.22
C MET B 142 -1.06 -4.11 -26.97
N GLY B 143 -0.84 -2.80 -26.94
CA GLY B 143 0.52 -2.30 -26.73
C GLY B 143 0.58 -1.13 -25.79
N GLN B 144 1.68 -1.03 -25.08
CA GLN B 144 1.92 0.13 -24.20
C GLN B 144 2.65 1.19 -25.04
N SER B 145 2.07 2.39 -25.10
CA SER B 145 2.88 3.56 -25.55
CA SER B 145 2.81 3.56 -25.65
C SER B 145 2.25 4.84 -25.02
N GLY B 146 0.92 4.97 -25.08
CA GLY B 146 0.19 6.19 -24.70
C GLY B 146 0.32 6.49 -23.21
N ILE B 147 0.30 5.45 -22.36
CA ILE B 147 0.40 5.64 -20.89
C ILE B 147 1.75 6.27 -20.54
N LEU B 148 2.85 5.81 -21.15
CA LEU B 148 4.20 6.38 -20.93
C LEU B 148 4.25 7.85 -21.38
N ASP B 149 3.79 8.17 -22.60
CA ASP B 149 3.76 9.58 -23.09
C ASP B 149 2.95 10.47 -22.14
N SER B 150 1.74 10.02 -21.81
CA SER B 150 0.84 10.62 -20.80
C SER B 150 1.57 10.82 -19.47
N ALA B 151 2.25 9.81 -18.97
CA ALA B 151 2.95 9.87 -17.66
C ALA B 151 4.03 10.97 -17.70
N ARG B 152 4.80 11.04 -18.78
CA ARG B 152 5.89 12.04 -18.88
C ARG B 152 5.28 13.45 -18.90
N PHE B 153 4.23 13.67 -19.69
CA PHE B 153 3.59 14.98 -19.85
C PHE B 153 3.01 15.40 -18.50
N ARG B 154 2.30 14.47 -17.84
CA ARG B 154 1.79 14.74 -16.48
C ARG B 154 2.95 15.11 -15.53
N THR B 155 4.07 14.39 -15.59
CA THR B 155 5.21 14.68 -14.70
C THR B 155 5.67 16.13 -14.94
N PHE B 156 5.81 16.54 -16.20
CA PHE B 156 6.42 17.85 -16.56
C PHE B 156 5.45 18.95 -16.12
N ILE B 157 4.15 18.74 -16.32
CA ILE B 157 3.08 19.70 -15.90
C ILE B 157 3.12 19.83 -14.38
N ALA B 158 3.14 18.71 -13.64
CA ALA B 158 3.13 18.72 -12.15
C ALA B 158 4.35 19.47 -11.59
N ARG B 159 5.55 19.22 -12.13
CA ARG B 159 6.80 19.89 -11.67
CA ARG B 159 6.80 19.89 -11.67
C ARG B 159 6.75 21.38 -12.04
N GLU B 160 6.18 21.73 -13.20
CA GLU B 160 6.08 23.14 -13.66
C GLU B 160 5.15 23.95 -12.74
N LEU B 161 3.98 23.45 -12.39
CA LEU B 161 3.03 24.10 -11.44
C LEU B 161 3.41 23.82 -9.98
N ASN B 162 4.31 22.86 -9.72
CA ASN B 162 4.60 22.34 -8.36
C ASN B 162 3.33 21.86 -7.65
N VAL B 163 2.63 20.90 -8.24
CA VAL B 163 1.41 20.25 -7.68
C VAL B 163 1.60 18.72 -7.72
N SER B 164 0.74 18.01 -7.00
CA SER B 164 0.71 16.54 -6.83
C SER B 164 0.66 15.85 -8.19
N PHE B 165 1.50 14.84 -8.34
CA PHE B 165 1.51 13.91 -9.49
C PHE B 165 0.16 13.21 -9.63
N GLU B 166 -0.58 13.07 -8.53
CA GLU B 166 -1.86 12.35 -8.53
C GLU B 166 -2.94 13.21 -9.19
N ASP B 167 -2.75 14.52 -9.25
CA ASP B 167 -3.84 15.45 -9.61
C ASP B 167 -3.69 15.92 -11.06
N VAL B 168 -2.67 15.49 -11.79
CA VAL B 168 -2.44 15.89 -13.21
C VAL B 168 -2.79 14.71 -14.11
N HIS B 169 -3.66 14.94 -15.10
CA HIS B 169 -4.20 13.89 -15.99
C HIS B 169 -4.04 14.38 -17.44
N ALA B 170 -3.81 13.46 -18.37
CA ALA B 170 -3.58 13.75 -19.80
C ALA B 170 -3.89 12.50 -20.61
N LEU B 171 -4.70 12.66 -21.64
CA LEU B 171 -4.95 11.63 -22.67
C LEU B 171 -4.06 12.00 -23.85
N VAL B 172 -3.28 11.05 -24.33
CA VAL B 172 -2.45 11.19 -25.55
C VAL B 172 -2.79 10.07 -26.54
N LEU B 173 -3.10 10.43 -27.77
CA LEU B 173 -3.36 9.46 -28.88
C LEU B 173 -2.08 9.25 -29.67
N GLY B 174 -2.10 8.29 -30.58
CA GLY B 174 -1.01 8.01 -31.53
C GLY B 174 0.13 7.32 -30.81
N GLY B 175 1.30 7.35 -31.44
CA GLY B 175 2.53 6.72 -30.94
C GLY B 175 3.42 7.73 -30.29
N HIS B 176 4.69 7.39 -30.11
CA HIS B 176 5.76 8.26 -29.56
C HIS B 176 6.26 9.24 -30.62
N GLY B 177 6.94 10.30 -30.17
CA GLY B 177 7.61 11.24 -31.07
C GLY B 177 6.63 11.93 -31.99
N ASP B 178 6.91 11.91 -33.28
CA ASP B 178 6.19 12.66 -34.34
C ASP B 178 4.79 12.05 -34.55
N SER B 179 4.62 10.77 -34.22
CA SER B 179 3.31 10.06 -34.38
C SER B 179 2.36 10.36 -33.22
N MET B 180 2.83 11.10 -32.22
CA MET B 180 2.05 11.43 -31.00
C MET B 180 1.03 12.54 -31.32
N VAL B 181 -0.14 12.44 -30.70
CA VAL B 181 -1.26 13.42 -30.79
C VAL B 181 -1.59 13.90 -29.39
N PRO B 182 -0.89 14.93 -28.89
CA PRO B 182 -1.14 15.44 -27.56
C PRO B 182 -2.50 16.14 -27.63
N LEU B 183 -3.23 16.23 -26.51
CA LEU B 183 -4.57 16.84 -26.46
C LEU B 183 -4.64 17.74 -25.23
N PRO B 184 -4.23 19.03 -25.34
CA PRO B 184 -4.42 20.03 -24.27
C PRO B 184 -5.82 20.11 -23.64
N ARG B 185 -6.85 19.95 -24.46
CA ARG B 185 -8.29 19.94 -24.07
CA ARG B 185 -8.28 19.96 -24.05
C ARG B 185 -8.59 18.74 -23.15
N TYR B 186 -7.81 17.65 -23.26
CA TYR B 186 -8.00 16.40 -22.48
C TYR B 186 -6.93 16.28 -21.39
N THR B 187 -6.45 17.44 -20.88
CA THR B 187 -5.29 17.57 -19.94
C THR B 187 -5.75 18.49 -18.80
N HIS B 188 -5.79 17.95 -17.58
CA HIS B 188 -6.46 18.58 -16.40
CA HIS B 188 -6.40 18.69 -16.44
C HIS B 188 -5.55 18.53 -15.18
N VAL B 189 -5.67 19.51 -14.30
CA VAL B 189 -5.06 19.57 -12.95
C VAL B 189 -6.20 19.73 -11.94
N GLY B 190 -6.51 18.66 -11.20
CA GLY B 190 -7.65 18.59 -10.27
C GLY B 190 -8.96 18.99 -10.91
N GLY B 191 -9.20 18.57 -12.17
CA GLY B 191 -10.43 18.90 -12.92
C GLY B 191 -10.30 20.17 -13.78
N ILE B 192 -9.29 21.00 -13.54
CA ILE B 192 -9.11 22.34 -14.19
C ILE B 192 -8.30 22.15 -15.46
N PRO B 193 -8.84 22.50 -16.65
CA PRO B 193 -8.07 22.38 -17.90
C PRO B 193 -6.74 23.12 -17.79
N VAL B 194 -5.65 22.48 -18.22
CA VAL B 194 -4.26 23.01 -18.04
C VAL B 194 -4.13 24.35 -18.79
N THR B 195 -4.92 24.58 -19.84
CA THR B 195 -4.84 25.84 -20.64
C THR B 195 -5.18 27.02 -19.73
N GLN B 196 -5.91 26.78 -18.63
CA GLN B 196 -6.24 27.85 -17.66
C GLN B 196 -5.07 28.07 -16.69
N LEU B 197 -4.05 27.20 -16.67
CA LEU B 197 -3.05 27.24 -15.57
C LEU B 197 -1.65 27.52 -16.12
N LEU B 198 -1.41 27.24 -17.41
CA LEU B 198 -0.11 27.47 -18.07
C LEU B 198 -0.35 28.22 -19.39
N PRO B 199 0.56 29.15 -19.78
CA PRO B 199 0.45 29.79 -21.08
C PRO B 199 0.70 28.80 -22.22
N LYS B 200 0.18 29.11 -23.41
CA LYS B 200 0.32 28.26 -24.62
C LYS B 200 1.80 27.92 -24.83
N GLU B 201 2.67 28.90 -24.63
CA GLU B 201 4.12 28.80 -24.92
CA GLU B 201 4.11 28.76 -24.96
C GLU B 201 4.71 27.64 -24.11
N LYS B 202 4.36 27.58 -22.82
CA LYS B 202 4.86 26.59 -21.85
C LYS B 202 4.28 25.21 -22.17
N ILE B 203 2.97 25.12 -22.44
CA ILE B 203 2.28 23.86 -22.87
C ILE B 203 2.96 23.29 -24.11
N ASP B 204 3.24 24.10 -25.13
CA ASP B 204 3.92 23.65 -26.38
C ASP B 204 5.31 23.09 -26.04
N GLU B 205 6.06 23.76 -25.16
CA GLU B 205 7.41 23.32 -24.70
C GLU B 205 7.30 21.94 -24.01
N LEU B 206 6.30 21.76 -23.14
CA LEU B 206 6.14 20.50 -22.35
C LEU B 206 5.72 19.40 -23.32
N VAL B 207 4.88 19.73 -24.29
CA VAL B 207 4.51 18.82 -25.43
C VAL B 207 5.78 18.41 -26.18
N ARG B 208 6.65 19.35 -26.58
CA ARG B 208 7.93 19.01 -27.25
C ARG B 208 8.75 18.09 -26.35
N ARG B 209 8.90 18.39 -25.07
CA ARG B 209 9.68 17.50 -24.16
C ARG B 209 9.06 16.09 -24.11
N THR B 210 7.73 15.98 -24.19
CA THR B 210 7.02 14.66 -24.18
C THR B 210 7.35 13.88 -25.46
N ARG B 211 7.18 14.49 -26.63
CA ARG B 211 7.57 13.91 -27.95
C ARG B 211 9.01 13.38 -27.88
N ASP B 212 9.94 14.15 -27.30
CA ASP B 212 11.38 13.78 -27.21
C ASP B 212 11.71 13.00 -25.91
N GLY B 213 10.69 12.56 -25.14
CA GLY B 213 10.83 12.01 -23.78
C GLY B 213 11.74 10.80 -23.70
N GLY B 214 11.54 9.81 -24.55
CA GLY B 214 12.34 8.57 -24.53
C GLY B 214 13.78 8.87 -24.93
N ALA B 215 13.95 9.70 -25.99
CA ALA B 215 15.28 10.17 -26.47
C ALA B 215 16.03 10.94 -25.36
N GLU B 216 15.37 11.85 -24.63
CA GLU B 216 16.00 12.57 -23.48
C GLU B 216 16.62 11.56 -22.49
N ILE B 217 15.93 10.48 -22.14
CA ILE B 217 16.50 9.53 -21.14
CA ILE B 217 16.48 9.50 -21.15
C ILE B 217 17.63 8.75 -21.82
N VAL B 218 17.48 8.41 -23.10
CA VAL B 218 18.58 7.72 -23.82
C VAL B 218 19.83 8.62 -23.79
N ARG B 219 19.68 9.94 -23.97
CA ARG B 219 20.85 10.87 -23.98
C ARG B 219 21.52 10.91 -22.59
N LEU B 220 20.76 10.89 -21.51
CA LEU B 220 21.33 10.99 -20.14
C LEU B 220 22.00 9.68 -19.77
N LEU B 221 21.38 8.53 -20.07
CA LEU B 221 21.93 7.19 -19.68
C LEU B 221 23.12 6.83 -20.56
N LYS B 222 23.09 7.21 -21.85
CA LYS B 222 24.19 7.03 -22.85
C LYS B 222 24.25 5.58 -23.34
N THR B 223 24.13 4.60 -22.46
CA THR B 223 23.87 3.19 -22.82
C THR B 223 22.44 2.87 -22.37
N GLY B 224 21.62 2.32 -23.25
CA GLY B 224 20.29 1.83 -22.90
C GLY B 224 19.29 2.95 -22.72
N SER B 225 18.05 2.53 -22.44
CA SER B 225 16.92 3.48 -22.45
C SER B 225 16.10 3.41 -21.15
N ALA B 226 15.00 4.17 -21.08
CA ALA B 226 14.13 4.22 -19.88
C ALA B 226 13.59 2.84 -19.49
N PHE B 227 13.34 2.63 -18.19
CA PHE B 227 12.81 1.32 -17.75
C PHE B 227 11.80 1.44 -16.61
N PHE B 228 12.04 2.38 -15.67
CA PHE B 228 11.14 2.61 -14.53
C PHE B 228 9.74 2.95 -15.04
N ALA B 229 9.60 4.01 -15.84
CA ALA B 229 8.30 4.54 -16.28
C ALA B 229 7.66 3.58 -17.29
N PRO B 230 8.39 3.03 -18.28
CA PRO B 230 7.79 2.01 -19.15
C PRO B 230 7.34 0.76 -18.38
N GLY B 231 8.12 0.34 -17.38
CA GLY B 231 7.72 -0.77 -16.49
C GLY B 231 6.39 -0.46 -15.82
N ALA B 232 6.28 0.73 -15.22
CA ALA B 232 5.05 1.18 -14.50
C ALA B 232 3.86 1.23 -15.47
N ALA B 233 4.05 1.80 -16.66
CA ALA B 233 2.98 1.91 -17.69
C ALA B 233 2.45 0.51 -18.02
N MET B 234 3.35 -0.46 -18.19
CA MET B 234 2.93 -1.84 -18.48
C MET B 234 2.25 -2.46 -17.24
N ALA B 235 2.69 -2.13 -16.02
CA ALA B 235 2.19 -2.77 -14.77
C ALA B 235 0.72 -2.40 -14.61
N GLU B 236 0.42 -1.14 -14.90
CA GLU B 236 -1.00 -0.59 -14.93
CA GLU B 236 -0.99 -0.65 -14.94
C GLU B 236 -1.96 -1.43 -15.90
N MET B 237 -1.40 -1.71 -17.09
CA MET B 237 -2.21 -2.49 -18.07
C MET B 237 -2.41 -3.92 -17.55
N VAL B 238 -1.34 -4.57 -17.10
CA VAL B 238 -1.43 -5.97 -16.57
C VAL B 238 -2.48 -6.01 -15.46
N GLU B 239 -2.40 -5.05 -14.54
CA GLU B 239 -3.27 -5.01 -13.34
C GLU B 239 -4.72 -4.70 -13.75
N ALA B 240 -4.94 -3.81 -14.71
CA ALA B 240 -6.28 -3.48 -15.26
C ALA B 240 -6.98 -4.74 -15.81
N ILE B 241 -6.24 -5.65 -16.42
CA ILE B 241 -6.81 -6.96 -16.86
C ILE B 241 -7.03 -7.87 -15.65
N LEU B 242 -5.99 -8.13 -14.87
CA LEU B 242 -6.07 -9.20 -13.82
C LEU B 242 -7.10 -8.86 -12.72
N ARG B 243 -7.33 -7.58 -12.44
CA ARG B 243 -8.26 -7.16 -11.36
C ARG B 243 -9.54 -6.59 -11.96
N ASP B 244 -9.70 -6.71 -13.28
CA ASP B 244 -10.89 -6.23 -14.02
C ASP B 244 -11.21 -4.78 -13.66
N ARG B 245 -10.26 -3.87 -13.75
CA ARG B 245 -10.46 -2.52 -13.16
C ARG B 245 -11.30 -1.65 -14.10
N LYS B 246 -11.38 -1.99 -15.38
CA LYS B 246 -12.02 -1.11 -16.41
C LYS B 246 -11.35 0.27 -16.38
N ARG B 247 -10.02 0.31 -16.46
CA ARG B 247 -9.27 1.58 -16.60
C ARG B 247 -9.64 2.23 -17.93
N VAL B 248 -9.65 3.56 -17.96
CA VAL B 248 -9.76 4.36 -19.20
C VAL B 248 -8.37 4.90 -19.50
N LEU B 249 -7.66 4.23 -20.38
CA LEU B 249 -6.24 4.51 -20.72
C LEU B 249 -6.06 4.57 -22.23
N PRO B 250 -5.07 5.34 -22.71
CA PRO B 250 -4.62 5.24 -24.10
C PRO B 250 -3.68 4.02 -24.27
N VAL B 251 -4.08 3.13 -25.18
CA VAL B 251 -3.30 1.90 -25.51
CA VAL B 251 -3.40 1.84 -25.49
C VAL B 251 -3.38 1.68 -27.02
N SER B 252 -2.41 0.95 -27.56
CA SER B 252 -2.40 0.60 -28.99
C SER B 252 -3.40 -0.55 -29.17
N ALA B 253 -4.50 -0.26 -29.88
CA ALA B 253 -5.65 -1.17 -30.06
C ALA B 253 -5.89 -1.38 -31.56
N TYR B 254 -6.35 -2.58 -31.91
CA TYR B 254 -6.68 -2.93 -33.31
C TYR B 254 -7.99 -2.25 -33.69
N LEU B 255 -7.98 -1.42 -34.74
CA LEU B 255 -9.13 -0.61 -35.25
C LEU B 255 -9.82 -1.32 -36.43
N GLU B 256 -11.17 -1.23 -36.46
CA GLU B 256 -12.06 -1.75 -37.53
C GLU B 256 -13.13 -0.71 -37.82
N GLY B 257 -12.72 0.57 -37.86
CA GLY B 257 -13.56 1.68 -38.31
C GLY B 257 -13.43 2.88 -37.40
N GLU B 258 -13.08 2.64 -36.12
CA GLU B 258 -12.88 3.72 -35.13
C GLU B 258 -11.93 4.76 -35.73
N TYR B 259 -12.27 6.05 -35.60
CA TYR B 259 -11.46 7.20 -36.09
C TYR B 259 -11.22 7.09 -37.61
N GLY B 260 -12.10 6.40 -38.35
CA GLY B 260 -12.00 6.21 -39.82
C GLY B 260 -10.92 5.23 -40.26
N GLU B 261 -10.36 4.43 -39.35
CA GLU B 261 -9.24 3.53 -39.72
C GLU B 261 -9.65 2.07 -39.50
N SER B 262 -9.37 1.19 -40.46
CA SER B 262 -9.45 -0.28 -40.27
C SER B 262 -8.10 -0.95 -40.60
N GLY B 263 -7.87 -2.11 -40.01
CA GLY B 263 -6.77 -3.01 -40.36
C GLY B 263 -5.44 -2.60 -39.76
N ILE B 264 -5.41 -1.68 -38.80
CA ILE B 264 -4.18 -1.21 -38.11
C ILE B 264 -4.41 -1.11 -36.59
N PHE B 265 -3.32 -1.12 -35.84
CA PHE B 265 -3.28 -0.69 -34.42
C PHE B 265 -2.95 0.79 -34.41
N MET B 266 -3.64 1.54 -33.55
CA MET B 266 -3.30 2.93 -33.17
C MET B 266 -3.48 3.09 -31.66
N GLY B 267 -2.79 4.08 -31.12
CA GLY B 267 -2.97 4.60 -29.76
C GLY B 267 -4.28 5.35 -29.64
N VAL B 268 -5.24 4.75 -28.93
CA VAL B 268 -6.63 5.26 -28.76
C VAL B 268 -7.03 5.08 -27.29
N PRO B 269 -8.07 5.82 -26.82
CA PRO B 269 -8.60 5.65 -25.47
C PRO B 269 -9.45 4.39 -25.45
N VAL B 270 -9.20 3.50 -24.50
CA VAL B 270 -9.99 2.24 -24.31
C VAL B 270 -10.45 2.11 -22.85
N VAL B 271 -11.47 1.30 -22.64
CA VAL B 271 -11.78 0.66 -21.34
C VAL B 271 -11.02 -0.68 -21.34
N LEU B 272 -10.06 -0.83 -20.42
CA LEU B 272 -9.24 -2.05 -20.26
C LEU B 272 -9.67 -2.79 -18.99
N GLY B 273 -10.17 -4.02 -19.12
CA GLY B 273 -10.69 -4.83 -18.00
C GLY B 273 -10.35 -6.31 -18.15
N GLY B 274 -11.11 -7.15 -17.46
CA GLY B 274 -10.88 -8.58 -17.35
C GLY B 274 -11.13 -9.32 -18.64
N ASN B 275 -11.79 -8.69 -19.61
CA ASN B 275 -11.93 -9.25 -20.99
CA ASN B 275 -11.94 -9.24 -21.00
C ASN B 275 -11.08 -8.41 -21.95
N GLY B 276 -10.01 -7.78 -21.43
CA GLY B 276 -9.03 -7.05 -22.24
C GLY B 276 -9.58 -5.75 -22.76
N ILE B 277 -9.41 -5.47 -24.07
CA ILE B 277 -9.94 -4.21 -24.67
C ILE B 277 -11.47 -4.34 -24.72
N GLU B 278 -12.17 -3.63 -23.86
CA GLU B 278 -13.64 -3.83 -23.68
C GLU B 278 -14.38 -2.81 -24.53
N LYS B 279 -13.77 -1.67 -24.81
CA LYS B 279 -14.41 -0.61 -25.60
C LYS B 279 -13.32 0.32 -26.11
N ILE B 280 -13.46 0.79 -27.36
CA ILE B 280 -12.64 1.90 -27.89
C ILE B 280 -13.51 3.15 -27.81
N LEU B 281 -13.00 4.20 -27.18
CA LEU B 281 -13.74 5.46 -27.01
C LEU B 281 -13.37 6.36 -28.19
N GLU B 282 -14.37 6.82 -28.93
CA GLU B 282 -14.19 7.81 -30.02
C GLU B 282 -14.52 9.18 -29.43
N ILE B 283 -13.52 10.03 -29.22
CA ILE B 283 -13.65 11.37 -28.59
C ILE B 283 -13.68 12.46 -29.68
N GLU B 284 -14.09 13.68 -29.32
CA GLU B 284 -14.14 14.83 -30.25
C GLU B 284 -12.70 15.29 -30.47
N LEU B 285 -12.30 15.39 -31.74
CA LEU B 285 -10.99 15.93 -32.17
C LEU B 285 -11.26 17.15 -33.06
N THR B 286 -10.36 18.14 -33.03
CA THR B 286 -10.32 19.25 -34.02
C THR B 286 -9.90 18.68 -35.37
N ASP B 287 -10.25 19.37 -36.46
CA ASP B 287 -9.72 19.09 -37.81
C ASP B 287 -8.22 18.77 -37.72
N GLU B 288 -7.43 19.63 -37.07
CA GLU B 288 -5.95 19.45 -36.97
C GLU B 288 -5.61 18.13 -36.28
N GLU B 289 -6.28 17.78 -35.18
CA GLU B 289 -6.00 16.55 -34.40
C GLU B 289 -6.39 15.34 -35.26
N ARG B 290 -7.54 15.39 -35.92
CA ARG B 290 -7.99 14.30 -36.84
C ARG B 290 -6.94 14.09 -37.93
N GLN B 291 -6.41 15.18 -38.51
CA GLN B 291 -5.46 15.12 -39.66
C GLN B 291 -4.15 14.54 -39.15
N ALA B 292 -3.64 15.01 -38.01
CA ALA B 292 -2.46 14.40 -37.36
C ALA B 292 -2.70 12.88 -37.13
N PHE B 293 -3.86 12.47 -36.60
CA PHE B 293 -4.15 11.03 -36.33
C PHE B 293 -4.12 10.24 -37.64
N ALA B 294 -4.87 10.73 -38.64
CA ALA B 294 -4.90 10.18 -40.03
C ALA B 294 -3.48 10.02 -40.61
N ARG B 295 -2.63 11.04 -40.48
CA ARG B 295 -1.23 10.98 -41.01
C ARG B 295 -0.46 9.86 -40.30
N SER B 296 -0.57 9.80 -38.97
CA SER B 296 0.10 8.77 -38.15
C SER B 296 -0.44 7.38 -38.58
N ALA B 297 -1.76 7.25 -38.75
CA ALA B 297 -2.47 6.04 -39.26
C ALA B 297 -1.92 5.64 -40.66
N ALA B 298 -1.78 6.59 -41.59
CA ALA B 298 -1.29 6.32 -42.98
C ALA B 298 0.13 5.72 -42.94
N ASP B 299 1.01 6.29 -42.11
CA ASP B 299 2.41 5.81 -41.89
C ASP B 299 2.39 4.37 -41.38
N VAL B 300 1.57 4.07 -40.36
CA VAL B 300 1.45 2.69 -39.82
C VAL B 300 0.97 1.76 -40.95
N ARG B 301 -0.11 2.12 -41.64
CA ARG B 301 -0.70 1.26 -42.72
C ARG B 301 0.36 0.93 -43.80
N GLN B 302 1.14 1.87 -44.27
CA GLN B 302 2.11 1.54 -45.36
C GLN B 302 3.31 0.77 -44.80
N THR B 303 3.67 0.93 -43.53
CA THR B 303 4.74 0.06 -42.93
C THR B 303 4.26 -1.40 -42.93
N LEU B 304 2.98 -1.67 -42.66
CA LEU B 304 2.44 -3.05 -42.57
C LEU B 304 2.58 -3.76 -43.92
N SER B 305 2.29 -3.07 -45.02
CA SER B 305 2.29 -3.64 -46.40
C SER B 305 3.68 -4.10 -46.80
N LYS B 306 4.74 -3.72 -46.07
CA LYS B 306 6.14 -4.11 -46.36
C LYS B 306 6.61 -5.28 -45.48
N LEU B 307 5.79 -5.76 -44.54
CA LEU B 307 6.19 -6.82 -43.57
C LEU B 307 6.16 -8.21 -44.23
N ASP B 308 7.19 -9.02 -43.97
CA ASP B 308 7.37 -10.37 -44.59
C ASP B 308 6.02 -11.04 -44.86
N MET C 1 14.42 12.19 14.26
CA MET C 1 13.16 12.12 13.50
CA MET C 1 13.16 12.12 13.50
C MET C 1 12.06 11.64 14.45
N LYS C 2 10.89 12.25 14.37
CA LYS C 2 9.70 11.88 15.18
C LYS C 2 8.49 11.99 14.27
N ARG C 3 7.52 11.08 14.41
CA ARG C 3 6.28 11.13 13.59
C ARG C 3 5.53 12.38 13.99
N PRO C 4 4.82 13.01 13.05
CA PRO C 4 3.91 14.09 13.38
C PRO C 4 2.75 13.56 14.24
N LYS C 5 1.99 14.50 14.80
CA LYS C 5 0.87 14.17 15.71
C LYS C 5 -0.41 14.80 15.16
N VAL C 6 -1.46 14.01 15.04
CA VAL C 6 -2.81 14.50 14.65
C VAL C 6 -3.78 14.23 15.78
N SER C 7 -4.55 15.24 16.16
CA SER C 7 -5.65 15.07 17.14
C SER C 7 -6.97 15.17 16.42
N ILE C 8 -7.89 14.31 16.82
CA ILE C 8 -9.25 14.25 16.24
C ILE C 8 -10.22 14.51 17.38
N VAL C 9 -10.98 15.58 17.27
CA VAL C 9 -11.99 15.90 18.31
C VAL C 9 -13.33 15.43 17.76
N GLY C 10 -13.96 14.51 18.50
CA GLY C 10 -15.16 13.76 18.11
C GLY C 10 -14.77 12.34 17.72
N ALA C 11 -15.03 11.37 18.59
CA ALA C 11 -14.64 9.95 18.39
C ALA C 11 -15.86 9.12 18.00
N GLY C 12 -16.88 9.76 17.40
CA GLY C 12 -18.03 9.09 16.79
C GLY C 12 -17.60 8.31 15.55
N ASN C 13 -18.53 7.82 14.75
CA ASN C 13 -18.21 6.98 13.56
C ASN C 13 -17.25 7.74 12.64
N THR C 14 -17.47 9.04 12.43
CA THR C 14 -16.64 9.82 11.48
C THR C 14 -15.20 10.01 12.00
N GLY C 15 -15.04 10.37 13.28
CA GLY C 15 -13.72 10.57 13.88
C GLY C 15 -12.92 9.27 13.86
N ALA C 16 -13.58 8.15 14.17
CA ALA C 16 -12.96 6.81 14.22
C ALA C 16 -12.57 6.39 12.82
N ALA C 17 -13.45 6.63 11.85
CA ALA C 17 -13.17 6.23 10.44
C ALA C 17 -11.94 7.02 9.97
N LEU C 18 -11.87 8.29 10.29
CA LEU C 18 -10.70 9.14 9.95
C LEU C 18 -9.43 8.54 10.58
N ALA C 19 -9.48 8.14 11.85
CA ALA C 19 -8.34 7.54 12.58
C ALA C 19 -7.91 6.29 11.80
N HIS C 20 -8.87 5.48 11.40
CA HIS C 20 -8.62 4.25 10.60
C HIS C 20 -7.90 4.62 9.28
N TRP C 21 -8.46 5.53 8.49
CA TRP C 21 -7.83 5.96 7.20
C TRP C 21 -6.44 6.54 7.46
N LEU C 22 -6.25 7.34 8.51
CA LEU C 22 -4.91 7.91 8.80
C LEU C 22 -3.92 6.80 9.21
N ALA C 23 -4.35 5.82 10.01
CA ALA C 23 -3.43 4.74 10.51
C ALA C 23 -2.85 3.98 9.32
N ILE C 24 -3.66 3.65 8.34
CA ILE C 24 -3.15 2.73 7.27
C ILE C 24 -2.19 3.51 6.37
N LYS C 25 -2.27 4.84 6.30
CA LYS C 25 -1.34 5.70 5.51
C LYS C 25 -0.01 5.87 6.28
N GLN C 26 0.05 5.47 7.55
CA GLN C 26 1.26 5.61 8.41
CA GLN C 26 1.26 5.59 8.40
C GLN C 26 1.78 7.05 8.34
N VAL C 27 0.93 8.01 8.63
CA VAL C 27 1.28 9.42 8.37
C VAL C 27 1.51 10.18 9.67
N ALA C 28 0.91 9.74 10.79
CA ALA C 28 1.09 10.41 12.10
C ALA C 28 0.65 9.47 13.23
N ASP C 29 1.10 9.76 14.45
CA ASP C 29 0.45 9.31 15.68
C ASP C 29 -0.87 10.08 15.81
N ILE C 30 -1.85 9.48 16.48
CA ILE C 30 -3.27 9.90 16.42
C ILE C 30 -3.77 9.93 17.86
N VAL C 31 -4.37 11.05 18.23
CA VAL C 31 -5.04 11.15 19.55
C VAL C 31 -6.52 11.39 19.27
N LEU C 32 -7.38 10.52 19.77
CA LEU C 32 -8.84 10.73 19.70
C LEU C 32 -9.30 11.39 21.00
N VAL C 33 -10.02 12.50 20.89
CA VAL C 33 -10.61 13.20 22.07
C VAL C 33 -12.13 13.27 21.91
N ASP C 34 -12.83 13.07 23.02
CA ASP C 34 -14.32 13.11 23.13
C ASP C 34 -14.69 13.39 24.57
N VAL C 35 -15.85 14.00 24.78
CA VAL C 35 -16.46 14.21 26.12
C VAL C 35 -16.84 12.85 26.72
N VAL C 36 -17.22 11.86 25.91
CA VAL C 36 -17.77 10.58 26.45
C VAL C 36 -16.63 9.72 27.01
N GLU C 37 -16.60 9.54 28.33
CA GLU C 37 -15.56 8.74 29.03
C GLU C 37 -15.53 7.31 28.52
N GLY C 38 -14.33 6.81 28.24
CA GLY C 38 -14.10 5.44 27.79
C GLY C 38 -14.12 5.29 26.27
N MET C 39 -14.93 6.09 25.56
CA MET C 39 -15.21 5.84 24.12
C MET C 39 -13.95 6.11 23.29
N PRO C 40 -13.30 7.28 23.37
CA PRO C 40 -12.09 7.49 22.58
C PRO C 40 -10.97 6.52 22.99
N GLN C 41 -10.89 6.16 24.28
CA GLN C 41 -9.83 5.26 24.79
C GLN C 41 -10.04 3.88 24.16
N GLY C 42 -11.28 3.40 24.15
CA GLY C 42 -11.59 2.04 23.69
C GLY C 42 -11.40 1.94 22.19
N LYS C 43 -11.82 2.96 21.43
CA LYS C 43 -11.70 2.93 19.95
C LYS C 43 -10.21 3.03 19.56
N ALA C 44 -9.44 3.85 20.27
CA ALA C 44 -8.00 4.06 20.05
C ALA C 44 -7.27 2.74 20.31
N LEU C 45 -7.55 2.05 21.40
CA LEU C 45 -6.82 0.80 21.73
C LEU C 45 -7.18 -0.30 20.72
N ASP C 46 -8.46 -0.41 20.36
CA ASP C 46 -8.96 -1.35 19.31
C ASP C 46 -8.17 -1.09 18.02
N LEU C 47 -8.18 0.15 17.52
CA LEU C 47 -7.53 0.45 16.22
C LEU C 47 -6.04 0.09 16.37
N MET C 48 -5.42 0.44 17.50
CA MET C 48 -3.95 0.21 17.62
C MET C 48 -3.68 -1.29 17.65
N GLN C 49 -4.65 -2.10 18.06
CA GLN C 49 -4.46 -3.56 18.23
C GLN C 49 -4.52 -4.25 16.85
N SER C 50 -4.95 -3.49 15.83
CA SER C 50 -4.92 -3.90 14.40
CA SER C 50 -4.92 -3.93 14.41
C SER C 50 -3.51 -3.75 13.82
N ALA C 51 -2.64 -2.93 14.46
CA ALA C 51 -1.29 -2.59 13.93
C ALA C 51 -0.47 -3.85 13.62
N PRO C 52 -0.31 -4.83 14.53
CA PRO C 52 0.56 -5.98 14.22
C PRO C 52 0.09 -6.80 12.99
N VAL C 53 -1.22 -6.85 12.79
CA VAL C 53 -1.89 -7.59 11.66
C VAL C 53 -1.74 -6.82 10.35
N GLU C 54 -1.95 -5.51 10.37
CA GLU C 54 -2.05 -4.67 9.16
C GLU C 54 -0.70 -4.04 8.82
N GLY C 55 0.29 -4.14 9.72
CA GLY C 55 1.69 -3.75 9.49
C GLY C 55 1.99 -2.27 9.61
N PHE C 56 1.16 -1.44 10.24
CA PHE C 56 1.47 0.02 10.39
C PHE C 56 2.10 0.31 11.77
N ASP C 57 3.04 1.27 11.82
CA ASP C 57 3.67 1.77 13.08
C ASP C 57 3.14 3.16 13.39
N VAL C 58 2.01 3.18 14.08
CA VAL C 58 1.29 4.41 14.50
C VAL C 58 0.75 4.14 15.90
N VAL C 59 0.98 5.06 16.82
CA VAL C 59 0.42 5.01 18.21
C VAL C 59 -0.90 5.79 18.22
N ILE C 60 -1.98 5.16 18.66
CA ILE C 60 -3.34 5.75 18.72
C ILE C 60 -3.77 5.69 20.18
N THR C 61 -4.04 6.85 20.78
CA THR C 61 -4.47 6.99 22.19
C THR C 61 -5.78 7.77 22.19
N GLY C 62 -6.60 7.56 23.21
CA GLY C 62 -7.83 8.31 23.43
C GLY C 62 -7.77 9.09 24.73
N SER C 63 -8.42 10.26 24.78
CA SER C 63 -8.52 11.08 26.00
C SER C 63 -9.86 11.82 26.08
N ASN C 64 -10.27 12.19 27.30
CA ASN C 64 -11.40 13.12 27.56
C ASN C 64 -10.88 14.52 27.92
N ASP C 65 -9.58 14.76 27.75
CA ASP C 65 -8.88 16.00 28.20
C ASP C 65 -8.18 16.61 26.98
N TYR C 66 -8.37 17.90 26.72
CA TYR C 66 -7.76 18.57 25.54
C TYR C 66 -6.24 18.67 25.72
N ALA C 67 -5.70 18.40 26.92
CA ALA C 67 -4.24 18.46 27.18
C ALA C 67 -3.55 17.36 26.36
N ALA C 68 -4.27 16.27 26.09
CA ALA C 68 -3.72 15.10 25.36
C ALA C 68 -3.35 15.53 23.93
N THR C 69 -3.91 16.67 23.45
CA THR C 69 -3.78 17.19 22.07
C THR C 69 -2.59 18.13 21.91
N ALA C 70 -1.85 18.44 22.98
CA ALA C 70 -0.76 19.46 22.99
C ALA C 70 0.26 19.20 21.88
N GLY C 71 0.66 20.24 21.16
CA GLY C 71 1.74 20.09 20.15
C GLY C 71 1.31 19.25 18.96
N SER C 72 0.04 19.26 18.57
CA SER C 72 -0.49 18.61 17.34
C SER C 72 -0.07 19.42 16.10
N ASP C 73 0.39 18.75 15.04
CA ASP C 73 0.63 19.40 13.72
C ASP C 73 -0.71 19.74 13.06
N VAL C 74 -1.69 18.85 13.20
CA VAL C 74 -3.06 19.02 12.64
C VAL C 74 -4.10 18.63 13.70
N VAL C 75 -5.20 19.38 13.80
CA VAL C 75 -6.37 19.03 14.66
C VAL C 75 -7.59 19.02 13.74
N VAL C 76 -8.40 17.95 13.81
CA VAL C 76 -9.60 17.82 12.96
C VAL C 76 -10.80 17.87 13.89
N ILE C 77 -11.74 18.76 13.63
CA ILE C 77 -13.00 18.86 14.43
C ILE C 77 -14.11 18.14 13.68
N THR C 78 -14.53 16.97 14.18
CA THR C 78 -15.63 16.19 13.57
C THR C 78 -16.91 16.27 14.40
N ALA C 79 -16.82 16.80 15.62
CA ALA C 79 -17.92 16.88 16.60
C ALA C 79 -18.96 17.89 16.12
N GLY C 80 -20.19 17.70 16.58
CA GLY C 80 -21.31 18.59 16.28
C GLY C 80 -22.63 17.88 16.50
N ALA C 81 -23.71 18.63 16.64
CA ALA C 81 -25.06 18.09 16.91
C ALA C 81 -25.69 17.63 15.59
N ALA C 82 -26.44 16.54 15.62
CA ALA C 82 -27.40 16.12 14.56
C ALA C 82 -28.59 17.08 14.60
N ARG C 83 -29.05 17.57 13.45
CA ARG C 83 -30.29 18.39 13.35
C ARG C 83 -31.51 17.48 13.62
N LYS C 84 -31.98 17.47 14.87
CA LYS C 84 -33.01 16.53 15.41
C LYS C 84 -34.39 16.89 14.85
N PRO C 85 -35.38 15.97 14.90
CA PRO C 85 -36.73 16.28 14.44
C PRO C 85 -37.23 17.62 15.03
N GLY C 86 -37.75 18.50 14.16
CA GLY C 86 -38.40 19.76 14.54
C GLY C 86 -37.41 20.86 14.90
N MET C 87 -36.10 20.57 14.92
CA MET C 87 -35.01 21.54 15.22
C MET C 87 -34.85 22.45 14.00
N SER C 88 -34.84 23.77 14.20
CA SER C 88 -34.76 24.77 13.11
C SER C 88 -33.34 24.84 12.57
N ARG C 89 -33.17 25.45 11.38
CA ARG C 89 -31.86 25.80 10.79
C ARG C 89 -31.03 26.55 11.83
N ASP C 90 -31.61 27.61 12.41
CA ASP C 90 -30.91 28.59 13.28
C ASP C 90 -30.50 27.93 14.60
N ASP C 91 -31.31 26.99 15.09
CA ASP C 91 -31.02 26.27 16.36
C ASP C 91 -29.74 25.45 16.16
N LEU C 92 -29.66 24.71 15.05
CA LEU C 92 -28.44 23.91 14.75
C LEU C 92 -27.22 24.83 14.67
N VAL C 93 -27.33 25.91 13.91
CA VAL C 93 -26.18 26.85 13.72
C VAL C 93 -25.74 27.32 15.09
N ASN C 94 -26.69 27.55 15.99
CA ASN C 94 -26.43 28.14 17.31
C ASN C 94 -25.77 27.08 18.21
N ILE C 95 -26.29 25.86 18.19
CA ILE C 95 -25.71 24.73 19.00
C ILE C 95 -24.27 24.50 18.52
N ASN C 96 -24.06 24.38 17.21
CA ASN C 96 -22.74 23.97 16.65
C ASN C 96 -21.77 25.14 16.74
N THR C 97 -22.24 26.40 16.64
CA THR C 97 -21.38 27.57 16.94
C THR C 97 -20.76 27.41 18.33
N GLY C 98 -21.57 27.11 19.34
CA GLY C 98 -21.09 26.93 20.74
C GLY C 98 -20.12 25.75 20.87
N ILE C 99 -20.43 24.63 20.22
CA ILE C 99 -19.58 23.41 20.22
C ILE C 99 -18.23 23.75 19.58
N VAL C 100 -18.24 24.39 18.43
CA VAL C 100 -17.00 24.67 17.63
C VAL C 100 -16.15 25.70 18.37
N ARG C 101 -16.78 26.70 18.98
CA ARG C 101 -16.10 27.77 19.76
C ARG C 101 -15.33 27.12 20.91
N GLU C 102 -16.02 26.30 21.72
CA GLU C 102 -15.44 25.71 22.94
C GLU C 102 -14.26 24.80 22.54
N ILE C 103 -14.45 23.94 21.53
CA ILE C 103 -13.39 23.00 21.03
C ILE C 103 -12.22 23.84 20.53
N THR C 104 -12.47 24.82 19.66
CA THR C 104 -11.38 25.61 19.02
C THR C 104 -10.56 26.33 20.09
N ALA C 105 -11.21 27.00 21.04
CA ALA C 105 -10.52 27.72 22.14
C ALA C 105 -9.53 26.75 22.80
N GLN C 106 -9.99 25.55 23.17
CA GLN C 106 -9.17 24.51 23.84
C GLN C 106 -8.05 24.03 22.91
N VAL C 107 -8.32 23.71 21.64
CA VAL C 107 -7.28 23.05 20.79
C VAL C 107 -6.24 24.12 20.45
N ALA C 108 -6.67 25.37 20.23
CA ALA C 108 -5.77 26.53 19.95
C ALA C 108 -4.84 26.83 21.13
N ARG C 109 -5.32 26.65 22.35
CA ARG C 109 -4.50 26.80 23.58
C ARG C 109 -3.37 25.75 23.58
N TYR C 110 -3.66 24.46 23.31
CA TYR C 110 -2.67 23.37 23.47
C TYR C 110 -1.80 23.22 22.22
N SER C 111 -2.27 23.64 21.05
CA SER C 111 -1.48 23.58 19.78
C SER C 111 -1.56 24.92 19.07
N PRO C 112 -0.90 25.98 19.60
CA PRO C 112 -1.01 27.30 18.98
C PRO C 112 -0.55 27.29 17.51
N ASP C 113 0.25 26.30 17.07
CA ASP C 113 0.87 26.29 15.70
C ASP C 113 0.15 25.29 14.77
N ALA C 114 -0.95 24.69 15.18
CA ALA C 114 -1.64 23.61 14.44
C ALA C 114 -2.27 24.14 13.15
N TYR C 115 -2.42 23.27 12.15
CA TYR C 115 -3.43 23.40 11.08
C TYR C 115 -4.75 22.86 11.60
N LEU C 116 -5.86 23.56 11.32
CA LEU C 116 -7.24 23.18 11.80
CA LEU C 116 -7.22 23.18 11.80
C LEU C 116 -8.12 22.84 10.60
N ILE C 117 -8.75 21.66 10.64
CA ILE C 117 -9.67 21.16 9.57
C ILE C 117 -11.02 20.95 10.26
N VAL C 118 -12.06 21.58 9.75
CA VAL C 118 -13.40 21.49 10.37
C VAL C 118 -14.25 20.56 9.49
N LEU C 119 -15.10 19.74 10.11
CA LEU C 119 -16.20 18.99 9.42
C LEU C 119 -17.59 19.50 9.86
N THR C 120 -17.73 20.06 11.06
CA THR C 120 -19.02 20.46 11.66
C THR C 120 -19.88 21.25 10.66
N ASN C 121 -21.13 20.86 10.44
CA ASN C 121 -22.05 21.68 9.60
C ASN C 121 -22.82 22.71 10.45
N PRO C 122 -23.30 23.79 9.82
CA PRO C 122 -23.00 24.10 8.42
C PRO C 122 -21.53 24.50 8.23
N LEU C 123 -20.86 23.86 7.27
CA LEU C 123 -19.37 23.74 7.24
C LEU C 123 -18.70 25.09 6.94
N ASP C 124 -19.13 25.80 5.90
CA ASP C 124 -18.58 27.13 5.54
C ASP C 124 -18.74 28.10 6.73
N VAL C 125 -19.86 28.03 7.45
CA VAL C 125 -20.11 28.89 8.64
C VAL C 125 -19.22 28.47 9.82
N MET C 126 -19.10 27.18 10.10
CA MET C 126 -18.30 26.68 11.25
C MET C 126 -16.81 26.96 11.02
N CYS C 127 -16.37 26.94 9.77
CA CYS C 127 -14.98 27.31 9.40
C CYS C 127 -14.71 28.75 9.86
N TYR C 128 -15.65 29.67 9.59
CA TYR C 128 -15.55 31.09 10.03
C TYR C 128 -15.42 31.15 11.56
N VAL C 129 -16.28 30.41 12.28
CA VAL C 129 -16.29 30.42 13.77
C VAL C 129 -14.90 29.99 14.23
N ALA C 130 -14.35 28.91 13.69
CA ALA C 130 -13.07 28.32 14.14
C ALA C 130 -11.95 29.32 13.86
N TYR C 131 -11.99 29.92 12.68
CA TYR C 131 -11.03 30.95 12.23
C TYR C 131 -10.96 32.11 13.23
N LYS C 132 -12.09 32.67 13.65
CA LYS C 132 -12.13 33.90 14.51
C LYS C 132 -11.74 33.52 15.94
N VAL C 133 -12.27 32.40 16.45
CA VAL C 133 -11.99 31.93 17.83
C VAL C 133 -10.52 31.50 17.92
N SER C 134 -9.93 30.92 16.88
CA SER C 134 -8.51 30.43 16.91
C SER C 134 -7.53 31.61 16.83
N GLY C 135 -7.85 32.65 16.06
CA GLY C 135 -6.91 33.76 15.81
C GLY C 135 -5.83 33.33 14.83
N PHE C 136 -6.00 32.14 14.24
CA PHE C 136 -5.00 31.55 13.32
C PHE C 136 -5.05 32.31 12.01
N PRO C 137 -3.90 32.44 11.33
CA PRO C 137 -3.89 32.98 9.98
C PRO C 137 -4.66 32.04 9.04
N LYS C 138 -5.30 32.61 8.03
CA LYS C 138 -6.20 31.91 7.08
C LYS C 138 -5.62 30.65 6.43
N HIS C 139 -4.32 30.66 6.10
CA HIS C 139 -3.69 29.41 5.59
CA HIS C 139 -3.67 29.38 5.60
C HIS C 139 -3.73 28.12 6.49
N ARG C 140 -3.97 28.38 7.77
CA ARG C 140 -4.03 27.26 8.75
C ARG C 140 -5.47 26.81 9.10
N VAL C 141 -6.51 27.39 8.50
CA VAL C 141 -7.89 26.99 8.90
C VAL C 141 -8.65 26.63 7.63
N MET C 142 -9.31 25.48 7.61
CA MET C 142 -10.03 25.01 6.40
C MET C 142 -11.10 23.99 6.77
N GLY C 143 -12.01 23.71 5.83
CA GLY C 143 -13.14 22.80 6.04
C GLY C 143 -13.18 21.72 4.97
N GLN C 144 -13.63 20.54 5.35
CA GLN C 144 -13.88 19.46 4.37
C GLN C 144 -15.34 19.57 3.94
N SER C 145 -15.58 19.72 2.63
CA SER C 145 -16.94 19.64 2.09
C SER C 145 -16.88 19.18 0.62
N GLY C 146 -16.11 19.88 -0.20
CA GLY C 146 -16.06 19.66 -1.65
C GLY C 146 -15.51 18.30 -2.00
N ILE C 147 -14.52 17.80 -1.24
CA ILE C 147 -13.88 16.52 -1.61
C ILE C 147 -14.95 15.42 -1.49
N LEU C 148 -15.77 15.46 -0.43
CA LEU C 148 -16.86 14.48 -0.22
C LEU C 148 -17.90 14.59 -1.37
N ASP C 149 -18.35 15.77 -1.77
CA ASP C 149 -19.36 15.90 -2.85
C ASP C 149 -18.71 15.40 -4.15
N SER C 150 -17.46 15.78 -4.38
CA SER C 150 -16.68 15.35 -5.57
C SER C 150 -16.62 13.82 -5.60
N ALA C 151 -16.27 13.19 -4.48
CA ALA C 151 -16.15 11.71 -4.37
C ALA C 151 -17.50 11.05 -4.73
N ARG C 152 -18.62 11.56 -4.22
CA ARG C 152 -19.94 10.91 -4.45
C ARG C 152 -20.26 11.01 -5.95
N PHE C 153 -20.07 12.19 -6.53
CA PHE C 153 -20.35 12.45 -7.98
C PHE C 153 -19.49 11.49 -8.81
N ARG C 154 -18.21 11.36 -8.46
CA ARG C 154 -17.25 10.48 -9.20
C ARG C 154 -17.73 9.03 -9.07
N THR C 155 -18.12 8.59 -7.87
CA THR C 155 -18.65 7.23 -7.64
C THR C 155 -19.81 6.97 -8.60
N PHE C 156 -20.81 7.84 -8.60
CA PHE C 156 -22.05 7.71 -9.40
C PHE C 156 -21.66 7.65 -10.89
N ILE C 157 -20.74 8.51 -11.35
CA ILE C 157 -20.30 8.46 -12.78
C ILE C 157 -19.61 7.11 -13.07
N ALA C 158 -18.65 6.73 -12.23
CA ALA C 158 -17.87 5.47 -12.39
C ALA C 158 -18.85 4.30 -12.47
N ARG C 159 -19.88 4.27 -11.62
CA ARG C 159 -20.82 3.12 -11.63
C ARG C 159 -21.72 3.25 -12.86
N GLU C 160 -22.13 4.46 -13.25
CA GLU C 160 -22.99 4.66 -14.44
C GLU C 160 -22.30 4.14 -15.70
N LEU C 161 -21.02 4.46 -15.90
CA LEU C 161 -20.23 4.01 -17.08
C LEU C 161 -19.60 2.64 -16.86
N ASN C 162 -19.66 2.10 -15.63
CA ASN C 162 -18.85 0.93 -15.19
C ASN C 162 -17.39 1.11 -15.61
N VAL C 163 -16.74 2.18 -15.14
CA VAL C 163 -15.28 2.40 -15.27
C VAL C 163 -14.63 2.55 -13.89
N SER C 164 -13.31 2.47 -13.87
CA SER C 164 -12.46 2.56 -12.65
C SER C 164 -12.72 3.86 -11.90
N PHE C 165 -12.84 3.76 -10.59
CA PHE C 165 -12.97 4.90 -9.67
C PHE C 165 -11.74 5.80 -9.76
N GLU C 166 -10.59 5.26 -10.14
CA GLU C 166 -9.33 6.02 -10.20
C GLU C 166 -9.34 6.99 -11.39
N ASP C 167 -10.23 6.78 -12.35
CA ASP C 167 -10.15 7.47 -13.67
C ASP C 167 -11.26 8.51 -13.81
N VAL C 168 -12.13 8.70 -12.80
CA VAL C 168 -13.20 9.72 -12.86
C VAL C 168 -12.78 10.85 -11.92
N HIS C 169 -12.89 12.08 -12.39
CA HIS C 169 -12.42 13.30 -11.67
C HIS C 169 -13.52 14.33 -11.79
N ALA C 170 -13.71 15.13 -10.74
CA ALA C 170 -14.73 16.19 -10.67
C ALA C 170 -14.29 17.23 -9.63
N LEU C 171 -14.39 18.49 -10.04
CA LEU C 171 -14.23 19.67 -9.17
C LEU C 171 -15.64 20.14 -8.84
N VAL C 172 -15.94 20.28 -7.56
CA VAL C 172 -17.20 20.84 -7.02
C VAL C 172 -16.82 22.03 -6.14
N LEU C 173 -17.54 23.14 -6.35
CA LEU C 173 -17.38 24.37 -5.54
C LEU C 173 -18.57 24.50 -4.58
N GLY C 174 -18.50 25.42 -3.61
CA GLY C 174 -19.59 25.65 -2.64
C GLY C 174 -19.70 24.54 -1.60
N GLY C 175 -20.85 24.49 -0.95
CA GLY C 175 -21.14 23.61 0.20
C GLY C 175 -21.98 22.46 -0.26
N HIS C 176 -22.61 21.76 0.67
CA HIS C 176 -23.50 20.61 0.38
C HIS C 176 -24.87 21.08 -0.17
N GLY C 177 -25.58 20.20 -0.89
CA GLY C 177 -27.02 20.36 -1.16
C GLY C 177 -27.25 21.52 -2.11
N ASP C 178 -28.06 22.49 -1.72
CA ASP C 178 -28.46 23.62 -2.59
C ASP C 178 -27.29 24.59 -2.79
N SER C 179 -26.30 24.67 -1.90
CA SER C 179 -25.17 25.64 -2.02
C SER C 179 -24.05 25.08 -2.90
N MET C 180 -24.19 23.83 -3.33
CA MET C 180 -23.20 23.10 -4.15
C MET C 180 -23.24 23.64 -5.57
N VAL C 181 -22.06 23.85 -6.15
CA VAL C 181 -21.90 24.31 -7.55
C VAL C 181 -21.16 23.21 -8.31
N PRO C 182 -21.91 22.32 -8.99
CA PRO C 182 -21.28 21.31 -9.84
C PRO C 182 -20.72 22.02 -11.07
N LEU C 183 -19.70 21.44 -11.68
CA LEU C 183 -18.99 21.97 -12.87
C LEU C 183 -18.83 20.84 -13.86
N PRO C 184 -19.84 20.60 -14.73
CA PRO C 184 -19.73 19.56 -15.77
C PRO C 184 -18.47 19.68 -16.65
N ARG C 185 -18.07 20.92 -16.97
CA ARG C 185 -16.88 21.22 -17.80
C ARG C 185 -15.60 20.74 -17.09
N TYR C 186 -15.63 20.60 -15.76
CA TYR C 186 -14.46 20.25 -14.91
C TYR C 186 -14.61 18.82 -14.38
N THR C 187 -15.31 17.97 -15.15
CA THR C 187 -15.62 16.57 -14.80
C THR C 187 -15.16 15.70 -15.96
N HIS C 188 -14.27 14.73 -15.71
CA HIS C 188 -13.68 13.92 -16.79
CA HIS C 188 -13.53 13.96 -16.74
C HIS C 188 -13.48 12.47 -16.36
N VAL C 189 -13.47 11.61 -17.38
CA VAL C 189 -13.19 10.17 -17.33
C VAL C 189 -11.98 9.96 -18.22
N GLY C 190 -10.82 9.76 -17.60
CA GLY C 190 -9.56 9.43 -18.28
C GLY C 190 -9.13 10.56 -19.18
N GLY C 191 -9.43 11.79 -18.76
CA GLY C 191 -9.10 13.03 -19.48
C GLY C 191 -10.22 13.44 -20.41
N ILE C 192 -11.27 12.61 -20.55
CA ILE C 192 -12.41 12.85 -21.49
C ILE C 192 -13.56 13.56 -20.76
N PRO C 193 -13.93 14.80 -21.15
CA PRO C 193 -15.05 15.49 -20.50
C PRO C 193 -16.30 14.62 -20.43
N VAL C 194 -16.91 14.50 -19.25
CA VAL C 194 -18.03 13.55 -19.03
C VAL C 194 -19.22 13.91 -19.96
N THR C 195 -19.31 15.15 -20.44
CA THR C 195 -20.37 15.56 -21.39
C THR C 195 -20.24 14.79 -22.72
N GLN C 196 -19.07 14.24 -23.05
CA GLN C 196 -18.93 13.41 -24.26
C GLN C 196 -19.39 11.97 -24.02
N LEU C 197 -19.65 11.55 -22.77
CA LEU C 197 -19.85 10.11 -22.45
C LEU C 197 -21.24 9.83 -21.86
N LEU C 198 -21.94 10.83 -21.35
CA LEU C 198 -23.24 10.65 -20.68
C LEU C 198 -24.13 11.77 -21.18
N PRO C 199 -25.39 11.46 -21.57
CA PRO C 199 -26.37 12.49 -21.91
C PRO C 199 -26.61 13.46 -20.75
N LYS C 200 -26.95 14.70 -21.10
CA LYS C 200 -27.29 15.81 -20.17
C LYS C 200 -28.27 15.32 -19.09
N GLU C 201 -29.32 14.59 -19.48
CA GLU C 201 -30.41 14.19 -18.55
C GLU C 201 -29.79 13.30 -17.46
N LYS C 202 -28.89 12.40 -17.85
CA LYS C 202 -28.20 11.47 -16.91
C LYS C 202 -27.26 12.28 -16.00
N ILE C 203 -26.48 13.19 -16.58
CA ILE C 203 -25.56 14.04 -15.79
C ILE C 203 -26.38 14.78 -14.74
N ASP C 204 -27.55 15.31 -15.12
CA ASP C 204 -28.39 16.15 -14.23
C ASP C 204 -28.86 15.30 -13.06
N GLU C 205 -29.32 14.07 -13.34
CA GLU C 205 -29.78 13.11 -12.32
C GLU C 205 -28.61 12.83 -11.36
N LEU C 206 -27.41 12.58 -11.88
CA LEU C 206 -26.23 12.24 -11.05
C LEU C 206 -25.88 13.43 -10.15
N VAL C 207 -26.01 14.65 -10.68
CA VAL C 207 -25.85 15.92 -9.89
C VAL C 207 -26.90 16.00 -8.77
N ARG C 208 -28.17 15.77 -9.10
CA ARG C 208 -29.24 15.78 -8.06
C ARG C 208 -28.92 14.74 -6.98
N ARG C 209 -28.51 13.54 -7.36
CA ARG C 209 -28.15 12.49 -6.37
C ARG C 209 -26.98 12.98 -5.49
N THR C 210 -26.03 13.72 -6.05
CA THR C 210 -24.84 14.25 -5.33
C THR C 210 -25.30 15.33 -4.35
N ARG C 211 -26.17 16.25 -4.77
CA ARG C 211 -26.71 17.29 -3.85
C ARG C 211 -27.38 16.59 -2.67
N ASP C 212 -28.08 15.48 -2.92
CA ASP C 212 -28.90 14.76 -1.91
C ASP C 212 -28.05 13.67 -1.21
N GLY C 213 -26.75 13.54 -1.51
CA GLY C 213 -25.94 12.36 -1.15
C GLY C 213 -25.86 12.06 0.35
N GLY C 214 -25.62 13.09 1.17
CA GLY C 214 -25.57 12.98 2.64
C GLY C 214 -26.93 12.55 3.20
N ALA C 215 -28.02 13.14 2.71
CA ALA C 215 -29.39 12.83 3.19
C ALA C 215 -29.71 11.38 2.83
N GLU C 216 -29.30 10.94 1.64
CA GLU C 216 -29.49 9.55 1.13
C GLU C 216 -28.88 8.56 2.14
N ILE C 217 -27.64 8.79 2.60
CA ILE C 217 -26.98 7.84 3.54
C ILE C 217 -27.74 7.89 4.87
N VAL C 218 -28.18 9.09 5.27
CA VAL C 218 -29.00 9.27 6.50
C VAL C 218 -30.28 8.43 6.38
N ARG C 219 -31.00 8.48 5.25
CA ARG C 219 -32.31 7.78 5.10
C ARG C 219 -32.08 6.26 5.18
N LEU C 220 -30.96 5.78 4.68
CA LEU C 220 -30.64 4.34 4.67
C LEU C 220 -30.25 3.88 6.08
N LEU C 221 -29.35 4.60 6.75
CA LEU C 221 -28.86 4.22 8.10
C LEU C 221 -29.98 4.44 9.14
N LYS C 222 -30.87 5.43 8.96
CA LYS C 222 -32.05 5.76 9.82
C LYS C 222 -31.61 6.39 11.16
N THR C 223 -30.52 5.94 11.78
CA THR C 223 -29.81 6.65 12.87
C THR C 223 -28.37 6.88 12.37
N GLY C 224 -27.82 8.06 12.56
CA GLY C 224 -26.43 8.35 12.18
C GLY C 224 -26.30 8.79 10.73
N SER C 225 -25.10 9.24 10.39
CA SER C 225 -24.72 9.85 9.09
C SER C 225 -23.57 9.05 8.44
N ALA C 226 -23.22 9.38 7.20
CA ALA C 226 -22.04 8.83 6.52
C ALA C 226 -20.81 9.00 7.42
N PHE C 227 -19.82 8.10 7.32
CA PHE C 227 -18.57 8.19 8.11
C PHE C 227 -17.37 7.75 7.28
N PHE C 228 -17.49 6.69 6.46
CA PHE C 228 -16.42 6.14 5.63
C PHE C 228 -15.87 7.23 4.71
N ALA C 229 -16.74 7.86 3.92
CA ALA C 229 -16.32 8.74 2.81
C ALA C 229 -16.01 10.13 3.39
N PRO C 230 -16.75 10.64 4.39
CA PRO C 230 -16.30 11.85 5.09
C PRO C 230 -14.92 11.65 5.73
N GLY C 231 -14.70 10.45 6.31
CA GLY C 231 -13.41 10.05 6.89
C GLY C 231 -12.28 10.16 5.88
N ALA C 232 -12.50 9.58 4.71
CA ALA C 232 -11.51 9.47 3.62
C ALA C 232 -11.20 10.88 3.11
N ALA C 233 -12.21 11.73 2.96
CA ALA C 233 -12.04 13.12 2.44
C ALA C 233 -11.18 13.89 3.42
N MET C 234 -11.42 13.74 4.72
CA MET C 234 -10.62 14.45 5.74
C MET C 234 -9.19 13.89 5.72
N ALA C 235 -9.01 12.57 5.55
CA ALA C 235 -7.68 11.90 5.60
C ALA C 235 -6.80 12.42 4.47
N GLU C 236 -7.40 12.66 3.31
CA GLU C 236 -6.71 13.22 2.11
CA GLU C 236 -6.68 13.20 2.13
C GLU C 236 -6.18 14.61 2.46
N MET C 237 -6.96 15.41 3.16
CA MET C 237 -6.54 16.80 3.52
C MET C 237 -5.42 16.75 4.57
N VAL C 238 -5.55 15.89 5.59
CA VAL C 238 -4.50 15.74 6.63
C VAL C 238 -3.19 15.31 6.00
N GLU C 239 -3.25 14.31 5.12
CA GLU C 239 -2.05 13.77 4.43
C GLU C 239 -1.45 14.84 3.49
N ALA C 240 -2.27 15.57 2.76
CA ALA C 240 -1.83 16.67 1.88
C ALA C 240 -0.94 17.64 2.67
N ILE C 241 -1.25 17.89 3.94
CA ILE C 241 -0.49 18.86 4.78
C ILE C 241 0.79 18.16 5.25
N LEU C 242 0.66 17.05 5.98
CA LEU C 242 1.82 16.37 6.64
C LEU C 242 2.90 15.96 5.64
N ARG C 243 2.50 15.51 4.46
CA ARG C 243 3.45 15.10 3.39
CA ARG C 243 3.45 15.10 3.39
C ARG C 243 3.78 16.12 2.24
N ASP C 244 3.29 17.35 2.44
CA ASP C 244 3.57 18.45 1.46
C ASP C 244 3.22 18.04 0.02
N ARG C 245 2.05 17.45 -0.14
CA ARG C 245 1.69 16.87 -1.46
C ARG C 245 1.33 17.96 -2.49
N LYS C 246 0.88 19.13 -2.06
CA LYS C 246 0.40 20.19 -3.01
C LYS C 246 -0.73 19.56 -3.84
N ARG C 247 -1.72 18.99 -3.15
CA ARG C 247 -2.94 18.45 -3.79
C ARG C 247 -3.77 19.61 -4.31
N VAL C 248 -4.40 19.44 -5.45
CA VAL C 248 -5.34 20.45 -6.01
C VAL C 248 -6.76 19.96 -5.72
N LEU C 249 -7.39 20.50 -4.69
CA LEU C 249 -8.64 19.97 -4.10
C LEU C 249 -9.61 21.11 -3.84
N PRO C 250 -10.94 20.85 -3.93
CA PRO C 250 -11.94 21.77 -3.39
C PRO C 250 -12.03 21.69 -1.86
N VAL C 251 -11.78 22.79 -1.17
CA VAL C 251 -11.87 22.89 0.31
C VAL C 251 -12.46 24.25 0.67
N SER C 252 -13.11 24.33 1.83
CA SER C 252 -13.63 25.60 2.38
C SER C 252 -12.44 26.45 2.85
N ALA C 253 -12.24 27.61 2.21
CA ALA C 253 -11.10 28.51 2.46
C ALA C 253 -11.58 29.95 2.64
N TYR C 254 -10.92 30.73 3.51
CA TYR C 254 -11.26 32.14 3.78
C TYR C 254 -10.92 33.00 2.56
N LEU C 255 -11.92 33.72 2.04
CA LEU C 255 -11.76 34.55 0.81
C LEU C 255 -11.53 36.00 1.23
N GLU C 256 -10.58 36.67 0.57
CA GLU C 256 -10.38 38.15 0.68
C GLU C 256 -10.31 38.71 -0.76
N GLY C 257 -11.36 38.46 -1.56
CA GLY C 257 -11.47 38.99 -2.93
C GLY C 257 -11.66 37.89 -3.94
N GLU C 258 -11.06 36.70 -3.72
CA GLU C 258 -11.17 35.57 -4.67
C GLU C 258 -12.66 35.30 -4.95
N TYR C 259 -13.00 35.06 -6.21
CA TYR C 259 -14.37 34.76 -6.72
C TYR C 259 -15.32 35.93 -6.38
N GLY C 260 -14.76 37.13 -6.19
CA GLY C 260 -15.47 38.38 -5.85
C GLY C 260 -16.14 38.34 -4.48
N GLU C 261 -15.54 37.66 -3.49
CA GLU C 261 -16.10 37.58 -2.11
C GLU C 261 -15.00 37.84 -1.07
N SER C 262 -15.33 38.55 0.01
CA SER C 262 -14.46 38.81 1.18
C SER C 262 -15.23 38.55 2.47
N GLY C 263 -14.50 38.12 3.49
CA GLY C 263 -14.97 37.98 4.88
C GLY C 263 -15.78 36.72 5.11
N ILE C 264 -15.75 35.75 4.20
CA ILE C 264 -16.41 34.42 4.42
C ILE C 264 -15.49 33.29 3.97
N PHE C 265 -15.77 32.06 4.44
CA PHE C 265 -15.30 30.79 3.81
C PHE C 265 -16.28 30.33 2.72
N MET C 266 -15.73 29.89 1.59
CA MET C 266 -16.46 29.18 0.51
C MET C 266 -15.62 27.99 0.02
N GLY C 267 -16.31 26.98 -0.52
CA GLY C 267 -15.71 25.85 -1.23
C GLY C 267 -15.08 26.31 -2.53
N VAL C 268 -13.75 26.29 -2.62
CA VAL C 268 -12.96 26.76 -3.78
C VAL C 268 -11.81 25.78 -4.05
N PRO C 269 -11.24 25.74 -5.27
CA PRO C 269 -10.06 24.95 -5.53
C PRO C 269 -8.84 25.63 -4.89
N VAL C 270 -8.06 24.81 -4.20
CA VAL C 270 -6.80 25.23 -3.54
C VAL C 270 -5.69 24.27 -3.92
N VAL C 271 -4.47 24.76 -3.79
CA VAL C 271 -3.26 23.93 -3.61
C VAL C 271 -3.08 23.75 -2.11
N LEU C 272 -3.23 22.51 -1.63
CA LEU C 272 -3.10 22.15 -0.22
C LEU C 272 -1.76 21.45 -0.02
N GLY C 273 -0.92 21.97 0.87
CA GLY C 273 0.42 21.42 1.09
C GLY C 273 0.88 21.61 2.51
N GLY C 274 2.20 21.60 2.70
CA GLY C 274 2.88 21.64 3.98
C GLY C 274 2.75 23.00 4.61
N ASN C 275 2.28 24.03 3.89
CA ASN C 275 1.94 25.33 4.52
C ASN C 275 0.41 25.55 4.47
N GLY C 276 -0.40 24.48 4.41
CA GLY C 276 -1.86 24.59 4.44
C GLY C 276 -2.40 25.12 3.12
N ILE C 277 -3.34 26.07 3.15
CA ILE C 277 -3.87 26.68 1.88
C ILE C 277 -2.73 27.47 1.26
N GLU C 278 -2.09 26.99 0.20
CA GLU C 278 -0.91 27.69 -0.36
C GLU C 278 -1.34 28.55 -1.52
N LYS C 279 -2.50 28.28 -2.10
CA LYS C 279 -3.01 29.08 -3.23
C LYS C 279 -4.50 28.81 -3.42
N ILE C 280 -5.26 29.84 -3.77
CA ILE C 280 -6.68 29.67 -4.20
C ILE C 280 -6.67 29.83 -5.71
N LEU C 281 -7.18 28.82 -6.43
CA LEU C 281 -7.19 28.79 -7.90
C LEU C 281 -8.51 29.40 -8.37
N GLU C 282 -8.41 30.40 -9.25
CA GLU C 282 -9.57 31.15 -9.79
C GLU C 282 -9.82 30.61 -11.19
N ILE C 283 -10.93 29.90 -11.36
CA ILE C 283 -11.23 29.13 -12.62
C ILE C 283 -12.30 29.87 -13.41
N GLU C 284 -12.44 29.52 -14.69
CA GLU C 284 -13.47 30.11 -15.57
C GLU C 284 -14.82 29.55 -15.12
N LEU C 285 -15.74 30.44 -14.74
CA LEU C 285 -17.15 30.09 -14.48
C LEU C 285 -18.04 30.78 -15.53
N THR C 286 -19.11 30.12 -15.96
CA THR C 286 -20.21 30.75 -16.74
C THR C 286 -20.90 31.77 -15.85
N ASP C 287 -21.72 32.65 -16.45
CA ASP C 287 -22.59 33.62 -15.73
C ASP C 287 -23.42 32.86 -14.67
N GLU C 288 -24.11 31.79 -15.07
CA GLU C 288 -25.02 30.98 -14.21
C GLU C 288 -24.24 30.50 -12.97
N GLU C 289 -23.05 29.97 -13.21
CA GLU C 289 -22.18 29.33 -12.18
C GLU C 289 -21.77 30.41 -11.17
N ARG C 290 -21.24 31.54 -11.66
CA ARG C 290 -20.86 32.70 -10.81
CA ARG C 290 -20.87 32.72 -10.83
C ARG C 290 -22.07 33.14 -9.97
N GLN C 291 -23.25 33.17 -10.58
CA GLN C 291 -24.49 33.60 -9.88
C GLN C 291 -24.83 32.61 -8.77
N ALA C 292 -24.79 31.31 -9.08
CA ALA C 292 -25.02 30.22 -8.10
C ALA C 292 -24.00 30.35 -6.95
N PHE C 293 -22.72 30.61 -7.26
CA PHE C 293 -21.67 30.84 -6.22
C PHE C 293 -22.04 32.07 -5.38
N ALA C 294 -22.37 33.19 -6.03
CA ALA C 294 -22.82 34.45 -5.38
C ALA C 294 -23.99 34.17 -4.43
N ARG C 295 -24.99 33.43 -4.89
CA ARG C 295 -26.14 33.06 -4.03
C ARG C 295 -25.62 32.29 -2.81
N SER C 296 -24.84 31.20 -3.02
CA SER C 296 -24.28 30.39 -1.91
C SER C 296 -23.58 31.32 -0.90
N ALA C 297 -22.74 32.23 -1.41
CA ALA C 297 -21.95 33.20 -0.61
C ALA C 297 -22.88 34.11 0.21
N ALA C 298 -23.94 34.65 -0.40
CA ALA C 298 -24.87 35.59 0.28
C ALA C 298 -25.52 34.85 1.46
N ASP C 299 -26.05 33.66 1.18
CA ASP C 299 -26.66 32.76 2.20
C ASP C 299 -25.67 32.59 3.37
N VAL C 300 -24.40 32.25 3.09
CA VAL C 300 -23.35 32.09 4.13
C VAL C 300 -23.23 33.43 4.89
N ARG C 301 -23.10 34.53 4.15
CA ARG C 301 -22.89 35.87 4.76
C ARG C 301 -24.05 36.25 5.71
N GLN C 302 -25.30 35.91 5.36
CA GLN C 302 -26.45 36.31 6.21
C GLN C 302 -26.46 35.46 7.49
N THR C 303 -26.16 34.16 7.39
CA THR C 303 -26.02 33.28 8.57
C THR C 303 -25.00 33.90 9.53
N LEU C 304 -23.86 34.34 9.01
CA LEU C 304 -22.78 34.88 9.85
C LEU C 304 -23.23 36.18 10.52
N SER C 305 -24.11 36.96 9.87
CA SER C 305 -24.61 38.25 10.42
C SER C 305 -25.44 38.00 11.67
N LYS C 306 -26.40 37.08 11.57
CA LYS C 306 -27.29 36.74 12.70
C LYS C 306 -26.42 36.39 13.90
N LEU C 307 -25.52 35.46 13.74
CA LEU C 307 -24.70 35.04 14.90
C LEU C 307 -23.68 36.14 15.21
N ASP C 308 -23.08 36.10 16.39
CA ASP C 308 -22.07 37.10 16.81
C ASP C 308 -21.30 37.63 15.61
N MET D 1 -11.02 -12.53 -16.79
CA MET D 1 -10.72 -12.34 -15.36
C MET D 1 -11.86 -11.57 -14.72
N LYS D 2 -12.31 -12.04 -13.55
CA LYS D 2 -13.34 -11.36 -12.73
C LYS D 2 -12.84 -11.36 -11.30
N ARG D 3 -13.08 -10.28 -10.56
CA ARG D 3 -12.64 -10.17 -9.15
C ARG D 3 -13.49 -11.16 -8.36
N PRO D 4 -12.90 -11.78 -7.33
CA PRO D 4 -13.67 -12.64 -6.45
C PRO D 4 -14.76 -11.87 -5.68
N LYS D 5 -15.67 -12.63 -5.06
CA LYS D 5 -16.83 -12.11 -4.31
C LYS D 5 -16.75 -12.57 -2.84
N VAL D 6 -16.90 -11.62 -1.92
CA VAL D 6 -16.97 -11.90 -0.45
C VAL D 6 -18.32 -11.39 0.07
N SER D 7 -19.08 -12.22 0.76
CA SER D 7 -20.28 -11.74 1.48
C SER D 7 -19.95 -11.73 2.97
N ILE D 8 -20.37 -10.68 3.63
CA ILE D 8 -20.28 -10.49 5.11
C ILE D 8 -21.70 -10.51 5.63
N VAL D 9 -22.02 -11.44 6.51
CA VAL D 9 -23.36 -11.46 7.16
C VAL D 9 -23.21 -10.79 8.51
N GLY D 10 -23.96 -9.69 8.70
CA GLY D 10 -23.84 -8.87 9.89
C GLY D 10 -23.15 -7.58 9.54
N ALA D 11 -23.89 -6.47 9.51
CA ALA D 11 -23.40 -5.18 8.99
C ALA D 11 -23.24 -4.19 10.13
N GLY D 12 -23.00 -4.72 11.34
CA GLY D 12 -22.65 -3.92 12.53
C GLY D 12 -21.23 -3.36 12.41
N ASN D 13 -20.68 -2.89 13.53
CA ASN D 13 -19.34 -2.24 13.59
C ASN D 13 -18.30 -3.22 13.03
N THR D 14 -18.32 -4.49 13.42
CA THR D 14 -17.28 -5.45 12.97
CA THR D 14 -17.31 -5.50 12.98
C THR D 14 -17.44 -5.81 11.49
N GLY D 15 -18.66 -6.12 11.00
CA GLY D 15 -18.91 -6.40 9.57
C GLY D 15 -18.42 -5.25 8.68
N ALA D 16 -18.73 -4.02 9.06
CA ALA D 16 -18.42 -2.80 8.27
C ALA D 16 -16.91 -2.52 8.30
N ALA D 17 -16.28 -2.68 9.47
CA ALA D 17 -14.82 -2.56 9.63
C ALA D 17 -14.13 -3.61 8.75
N LEU D 18 -14.65 -4.85 8.73
CA LEU D 18 -14.11 -5.92 7.86
C LEU D 18 -14.20 -5.50 6.37
N ALA D 19 -15.35 -5.00 5.95
CA ALA D 19 -15.58 -4.49 4.57
C ALA D 19 -14.50 -3.44 4.28
N HIS D 20 -14.25 -2.52 5.21
CA HIS D 20 -13.25 -1.43 5.06
C HIS D 20 -11.84 -2.01 4.87
N TRP D 21 -11.40 -2.88 5.77
CA TRP D 21 -10.06 -3.51 5.63
C TRP D 21 -9.99 -4.28 4.30
N LEU D 22 -11.06 -4.94 3.87
CA LEU D 22 -11.02 -5.73 2.60
C LEU D 22 -10.90 -4.79 1.41
N ALA D 23 -11.62 -3.66 1.44
CA ALA D 23 -11.68 -2.71 0.30
C ALA D 23 -10.27 -2.17 0.05
N ILE D 24 -9.55 -1.82 1.10
CA ILE D 24 -8.22 -1.18 0.88
C ILE D 24 -7.26 -2.24 0.33
N LYS D 25 -7.46 -3.52 0.59
CA LYS D 25 -6.61 -4.62 0.05
CA LYS D 25 -6.55 -4.56 0.02
C LYS D 25 -6.95 -4.88 -1.42
N GLN D 26 -8.05 -4.30 -1.92
CA GLN D 26 -8.58 -4.55 -3.30
C GLN D 26 -8.67 -6.05 -3.60
N VAL D 27 -9.15 -6.87 -2.67
CA VAL D 27 -9.04 -8.34 -2.88
C VAL D 27 -10.33 -8.91 -3.49
N ALA D 28 -11.49 -8.25 -3.35
CA ALA D 28 -12.79 -8.78 -3.83
C ALA D 28 -13.85 -7.69 -3.90
N ASP D 29 -14.90 -7.95 -4.66
CA ASP D 29 -16.15 -7.17 -4.47
C ASP D 29 -16.80 -7.72 -3.20
N ILE D 30 -17.56 -6.87 -2.49
CA ILE D 30 -18.07 -7.13 -1.13
C ILE D 30 -19.59 -6.95 -1.17
N VAL D 31 -20.33 -7.91 -0.60
CA VAL D 31 -21.78 -7.75 -0.33
C VAL D 31 -21.97 -7.84 1.17
N LEU D 32 -22.58 -6.81 1.77
CA LEU D 32 -22.93 -6.74 3.20
C LEU D 32 -24.39 -7.14 3.32
N VAL D 33 -24.68 -8.02 4.27
CA VAL D 33 -26.06 -8.54 4.45
C VAL D 33 -26.39 -8.43 5.92
N ASP D 34 -27.58 -7.91 6.20
CA ASP D 34 -28.13 -7.73 7.55
C ASP D 34 -29.64 -7.86 7.45
N VAL D 35 -30.30 -8.07 8.57
CA VAL D 35 -31.77 -8.11 8.64
C VAL D 35 -32.26 -6.67 8.67
N VAL D 36 -31.46 -5.70 9.13
CA VAL D 36 -31.98 -4.32 9.35
C VAL D 36 -32.10 -3.57 8.01
N GLU D 37 -33.33 -3.22 7.61
CA GLU D 37 -33.56 -2.57 6.30
C GLU D 37 -32.75 -1.26 6.22
N GLY D 38 -32.06 -1.03 5.09
CA GLY D 38 -31.32 0.21 4.83
C GLY D 38 -29.88 0.20 5.33
N MET D 39 -29.60 -0.45 6.47
CA MET D 39 -28.27 -0.32 7.14
C MET D 39 -27.16 -0.84 6.22
N PRO D 40 -27.21 -2.10 5.72
CA PRO D 40 -26.14 -2.61 4.90
C PRO D 40 -26.03 -1.83 3.59
N GLN D 41 -27.18 -1.39 3.05
CA GLN D 41 -27.23 -0.58 1.82
C GLN D 41 -26.45 0.72 2.08
N GLY D 42 -26.70 1.37 3.23
CA GLY D 42 -26.11 2.67 3.61
C GLY D 42 -24.61 2.57 3.87
N LYS D 43 -24.17 1.54 4.58
CA LYS D 43 -22.73 1.35 4.91
C LYS D 43 -21.95 1.03 3.62
N ALA D 44 -22.48 0.14 2.79
CA ALA D 44 -21.87 -0.26 1.50
C ALA D 44 -21.64 0.97 0.61
N LEU D 45 -22.69 1.77 0.41
CA LEU D 45 -22.63 2.93 -0.50
C LEU D 45 -21.63 3.96 0.04
N ASP D 46 -21.65 4.24 1.34
CA ASP D 46 -20.70 5.18 2.02
C ASP D 46 -19.27 4.67 1.77
N LEU D 47 -18.99 3.39 1.98
CA LEU D 47 -17.61 2.85 1.83
C LEU D 47 -17.19 2.98 0.36
N MET D 48 -18.07 2.63 -0.58
CA MET D 48 -17.73 2.69 -2.02
C MET D 48 -17.47 4.15 -2.44
N GLN D 49 -18.17 5.11 -1.83
CA GLN D 49 -17.97 6.56 -2.13
C GLN D 49 -16.58 7.04 -1.70
N SER D 50 -15.84 6.26 -0.90
CA SER D 50 -14.43 6.55 -0.51
CA SER D 50 -14.44 6.60 -0.53
C SER D 50 -13.46 6.15 -1.63
N ALA D 51 -13.90 5.26 -2.54
CA ALA D 51 -13.06 4.61 -3.58
C ALA D 51 -12.34 5.63 -4.48
N PRO D 52 -12.96 6.68 -5.04
CA PRO D 52 -12.26 7.66 -5.85
C PRO D 52 -11.19 8.44 -5.09
N VAL D 53 -11.35 8.57 -3.77
CA VAL D 53 -10.39 9.33 -2.91
C VAL D 53 -9.24 8.40 -2.54
N GLU D 54 -9.53 7.12 -2.26
CA GLU D 54 -8.58 6.19 -1.60
C GLU D 54 -7.90 5.25 -2.61
N GLY D 55 -8.35 5.18 -3.86
CA GLY D 55 -7.60 4.57 -4.98
CA GLY D 55 -7.60 4.57 -4.98
CA GLY D 55 -7.59 4.58 -4.97
C GLY D 55 -7.98 3.14 -5.28
N PHE D 56 -8.99 2.60 -4.59
CA PHE D 56 -9.32 1.15 -4.70
C PHE D 56 -10.44 0.90 -5.74
N ASP D 57 -10.35 -0.21 -6.49
CA ASP D 57 -11.40 -0.62 -7.46
C ASP D 57 -12.11 -1.87 -6.95
N VAL D 58 -13.07 -1.68 -6.06
CA VAL D 58 -14.01 -2.77 -5.66
C VAL D 58 -15.39 -2.17 -5.51
N VAL D 59 -16.37 -3.01 -5.81
CA VAL D 59 -17.81 -2.68 -5.69
C VAL D 59 -18.27 -3.26 -4.36
N ILE D 60 -18.85 -2.39 -3.53
CA ILE D 60 -19.50 -2.79 -2.24
C ILE D 60 -20.97 -2.45 -2.37
N THR D 61 -21.82 -3.46 -2.18
CA THR D 61 -23.29 -3.33 -2.19
C THR D 61 -23.86 -3.96 -0.93
N GLY D 62 -25.11 -3.71 -0.64
CA GLY D 62 -25.74 -4.30 0.53
C GLY D 62 -27.12 -4.77 0.21
N SER D 63 -27.63 -5.68 1.04
CA SER D 63 -28.92 -6.36 0.84
C SER D 63 -29.44 -6.85 2.18
N ASN D 64 -30.77 -6.99 2.26
CA ASN D 64 -31.48 -7.68 3.36
C ASN D 64 -31.81 -9.13 2.93
N ASP D 65 -31.38 -9.55 1.74
CA ASP D 65 -31.76 -10.85 1.09
CA ASP D 65 -31.77 -10.87 1.15
C ASP D 65 -30.50 -11.72 0.93
N TYR D 66 -30.51 -12.95 1.44
CA TYR D 66 -29.34 -13.88 1.30
C TYR D 66 -29.06 -14.20 -0.18
N ALA D 67 -30.05 -14.08 -1.07
CA ALA D 67 -29.90 -14.34 -2.53
C ALA D 67 -28.80 -13.44 -3.12
N ALA D 68 -28.56 -12.26 -2.54
CA ALA D 68 -27.47 -11.33 -2.93
C ALA D 68 -26.10 -11.97 -2.70
N THR D 69 -26.01 -13.03 -1.90
CA THR D 69 -24.72 -13.70 -1.53
C THR D 69 -24.36 -14.83 -2.49
N ALA D 70 -25.21 -15.12 -3.48
CA ALA D 70 -25.04 -16.27 -4.40
C ALA D 70 -23.67 -16.20 -5.06
N GLY D 71 -22.98 -17.35 -5.13
CA GLY D 71 -21.68 -17.48 -5.78
C GLY D 71 -20.58 -16.72 -5.07
N SER D 72 -20.62 -16.63 -3.74
CA SER D 72 -19.50 -16.01 -2.97
C SER D 72 -18.32 -16.98 -2.92
N ASP D 73 -17.09 -16.46 -3.08
CA ASP D 73 -15.88 -17.28 -2.86
C ASP D 73 -15.74 -17.50 -1.34
N VAL D 74 -15.97 -16.45 -0.56
CA VAL D 74 -15.80 -16.46 0.92
C VAL D 74 -17.03 -15.79 1.50
N VAL D 75 -17.62 -16.41 2.50
CA VAL D 75 -18.74 -15.82 3.29
C VAL D 75 -18.22 -15.72 4.73
N VAL D 76 -18.38 -14.56 5.34
CA VAL D 76 -17.93 -14.33 6.74
C VAL D 76 -19.18 -14.08 7.57
N ILE D 77 -19.34 -14.82 8.64
CA ILE D 77 -20.47 -14.61 9.60
C ILE D 77 -19.99 -13.77 10.79
N THR D 78 -20.49 -12.54 10.93
CA THR D 78 -20.10 -11.65 12.05
C THR D 78 -21.28 -11.46 12.99
N ALA D 79 -22.49 -11.86 12.63
CA ALA D 79 -23.70 -11.62 13.45
C ALA D 79 -23.56 -12.43 14.73
N GLY D 80 -24.20 -11.96 15.78
CA GLY D 80 -24.37 -12.71 17.03
C GLY D 80 -24.89 -11.79 18.09
N ALA D 81 -25.44 -12.34 19.17
CA ALA D 81 -25.99 -11.58 20.29
C ALA D 81 -24.91 -11.51 21.39
N ALA D 82 -24.88 -10.43 22.16
CA ALA D 82 -24.10 -10.29 23.41
C ALA D 82 -25.02 -10.60 24.61
N ARG D 83 -24.47 -11.09 25.71
CA ARG D 83 -25.26 -11.39 26.94
C ARG D 83 -25.97 -10.13 27.44
N LYS D 84 -27.25 -10.26 27.77
CA LYS D 84 -28.11 -9.17 28.29
C LYS D 84 -28.33 -9.35 29.79
N PRO D 85 -28.81 -8.31 30.51
CA PRO D 85 -29.36 -8.44 31.86
C PRO D 85 -30.51 -9.47 31.92
N GLY D 86 -30.46 -10.33 32.94
CA GLY D 86 -31.43 -11.40 33.22
C GLY D 86 -31.26 -12.62 32.32
N MET D 87 -30.29 -12.61 31.41
CA MET D 87 -30.14 -13.75 30.46
C MET D 87 -29.10 -14.74 31.03
N SER D 88 -29.39 -16.04 30.97
CA SER D 88 -28.50 -17.11 31.49
C SER D 88 -27.33 -17.32 30.51
N ARG D 89 -26.24 -17.93 30.98
CA ARG D 89 -25.10 -18.32 30.11
CA ARG D 89 -25.10 -18.31 30.12
C ARG D 89 -25.59 -19.25 28.99
N ASP D 90 -26.37 -20.27 29.33
CA ASP D 90 -26.75 -21.30 28.34
C ASP D 90 -27.72 -20.68 27.30
N ASP D 91 -28.56 -19.74 27.71
CA ASP D 91 -29.50 -19.01 26.82
C ASP D 91 -28.72 -18.24 25.74
N LEU D 92 -27.68 -17.48 26.14
CA LEU D 92 -26.83 -16.73 25.16
C LEU D 92 -26.36 -17.70 24.06
N VAL D 93 -25.76 -18.82 24.45
CA VAL D 93 -25.20 -19.82 23.51
C VAL D 93 -26.32 -20.36 22.62
N ASN D 94 -27.45 -20.74 23.20
CA ASN D 94 -28.64 -21.18 22.45
C ASN D 94 -29.06 -20.11 21.43
N ILE D 95 -29.11 -18.84 21.81
CA ILE D 95 -29.47 -17.72 20.89
C ILE D 95 -28.42 -17.64 19.76
N ASN D 96 -27.13 -17.72 20.07
CA ASN D 96 -26.13 -17.64 18.99
C ASN D 96 -26.19 -18.91 18.13
N THR D 97 -26.50 -20.05 18.74
CA THR D 97 -26.67 -21.31 17.99
C THR D 97 -27.72 -21.11 16.91
N GLY D 98 -28.88 -20.56 17.26
CA GLY D 98 -29.97 -20.29 16.32
C GLY D 98 -29.52 -19.36 15.21
N ILE D 99 -28.84 -18.29 15.57
CA ILE D 99 -28.40 -17.23 14.63
C ILE D 99 -27.44 -17.88 13.64
N VAL D 100 -26.41 -18.59 14.13
CA VAL D 100 -25.44 -19.22 13.21
C VAL D 100 -26.14 -20.28 12.35
N ARG D 101 -27.03 -21.11 12.89
CA ARG D 101 -27.69 -22.17 12.09
C ARG D 101 -28.48 -21.55 10.93
N GLU D 102 -29.29 -20.55 11.22
CA GLU D 102 -30.17 -19.90 10.21
C GLU D 102 -29.31 -19.25 9.12
N ILE D 103 -28.29 -18.48 9.51
CA ILE D 103 -27.35 -17.82 8.56
C ILE D 103 -26.67 -18.89 7.69
N THR D 104 -26.14 -19.93 8.31
CA THR D 104 -25.32 -20.98 7.64
C THR D 104 -26.20 -21.70 6.60
N ALA D 105 -27.44 -22.04 6.91
CA ALA D 105 -28.34 -22.78 5.99
C ALA D 105 -28.58 -21.88 4.78
N GLN D 106 -28.78 -20.58 4.98
CA GLN D 106 -29.09 -19.63 3.88
CA GLN D 106 -29.09 -19.61 3.89
C GLN D 106 -27.85 -19.43 3.00
N VAL D 107 -26.67 -19.22 3.61
CA VAL D 107 -25.43 -18.95 2.84
C VAL D 107 -24.91 -20.20 2.13
N ALA D 108 -25.09 -21.40 2.69
CA ALA D 108 -24.63 -22.67 2.08
C ALA D 108 -25.51 -23.05 0.87
N ARG D 109 -26.79 -22.68 0.92
CA ARG D 109 -27.75 -22.80 -0.20
C ARG D 109 -27.27 -21.95 -1.39
N TYR D 110 -26.92 -20.68 -1.16
CA TYR D 110 -26.63 -19.67 -2.20
C TYR D 110 -25.17 -19.76 -2.65
N SER D 111 -24.26 -20.32 -1.83
CA SER D 111 -22.85 -20.54 -2.24
C SER D 111 -22.34 -21.90 -1.75
N PRO D 112 -22.76 -23.01 -2.40
CA PRO D 112 -22.40 -24.35 -1.93
C PRO D 112 -20.89 -24.64 -1.96
N ASP D 113 -20.08 -23.88 -2.68
CA ASP D 113 -18.62 -24.12 -2.77
C ASP D 113 -17.81 -23.10 -1.95
N ALA D 114 -18.46 -22.19 -1.25
CA ALA D 114 -17.76 -21.13 -0.49
C ALA D 114 -16.88 -21.70 0.64
N TYR D 115 -15.87 -20.92 0.98
CA TYR D 115 -15.17 -20.95 2.28
C TYR D 115 -15.97 -20.11 3.26
N LEU D 116 -16.17 -20.65 4.46
CA LEU D 116 -17.00 -20.07 5.53
C LEU D 116 -16.10 -19.67 6.69
N ILE D 117 -16.10 -18.40 7.08
CA ILE D 117 -15.33 -17.90 8.26
C ILE D 117 -16.34 -17.38 9.31
N VAL D 118 -16.29 -17.92 10.52
CA VAL D 118 -17.19 -17.55 11.64
C VAL D 118 -16.46 -16.66 12.64
N LEU D 119 -17.17 -15.65 13.13
CA LEU D 119 -16.71 -14.77 14.23
C LEU D 119 -17.54 -15.02 15.49
N THR D 120 -18.80 -15.39 15.32
CA THR D 120 -19.82 -15.45 16.43
C THR D 120 -19.24 -16.18 17.65
N ASN D 121 -19.34 -15.56 18.82
CA ASN D 121 -18.95 -16.19 20.12
CA ASN D 121 -18.95 -16.19 20.12
C ASN D 121 -20.09 -17.08 20.61
N PRO D 122 -19.83 -18.19 21.35
CA PRO D 122 -18.50 -18.73 21.63
C PRO D 122 -17.96 -19.44 20.37
N LEU D 123 -16.74 -19.08 20.00
CA LEU D 123 -16.26 -19.15 18.59
C LEU D 123 -16.05 -20.62 18.17
N ASP D 124 -15.26 -21.41 18.91
CA ASP D 124 -15.00 -22.84 18.61
C ASP D 124 -16.32 -23.63 18.48
N VAL D 125 -17.26 -23.43 19.40
CA VAL D 125 -18.61 -24.06 19.36
C VAL D 125 -19.42 -23.58 18.13
N MET D 126 -19.46 -22.29 17.87
CA MET D 126 -20.22 -21.78 16.71
C MET D 126 -19.60 -22.31 15.41
N CYS D 127 -18.27 -22.52 15.33
CA CYS D 127 -17.69 -23.14 14.12
C CYS D 127 -18.28 -24.55 13.94
N TYR D 128 -18.43 -25.29 15.03
CA TYR D 128 -18.96 -26.67 14.97
C TYR D 128 -20.40 -26.61 14.44
N VAL D 129 -21.19 -25.66 14.91
CA VAL D 129 -22.60 -25.44 14.43
C VAL D 129 -22.52 -25.21 12.91
N ALA D 130 -21.72 -24.24 12.47
CA ALA D 130 -21.62 -23.88 11.04
C ALA D 130 -21.25 -25.12 10.25
N TYR D 131 -20.30 -25.90 10.74
CA TYR D 131 -19.75 -27.09 10.06
C TYR D 131 -20.87 -28.11 9.83
N LYS D 132 -21.61 -28.43 10.90
CA LYS D 132 -22.70 -29.44 10.84
C LYS D 132 -23.86 -28.95 9.96
N VAL D 133 -24.31 -27.72 10.12
CA VAL D 133 -25.45 -27.17 9.35
C VAL D 133 -25.03 -27.09 7.88
N SER D 134 -23.80 -26.65 7.58
CA SER D 134 -23.37 -26.36 6.19
C SER D 134 -23.19 -27.68 5.42
N GLY D 135 -22.73 -28.74 6.08
CA GLY D 135 -22.34 -29.99 5.42
C GLY D 135 -21.06 -29.79 4.61
N PHE D 136 -20.37 -28.66 4.77
CA PHE D 136 -19.09 -28.40 4.06
C PHE D 136 -18.00 -29.29 4.61
N PRO D 137 -17.03 -29.68 3.76
CA PRO D 137 -15.87 -30.43 4.25
C PRO D 137 -15.00 -29.53 5.14
N LYS D 138 -14.17 -30.15 5.98
CA LYS D 138 -13.50 -29.46 7.11
C LYS D 138 -12.54 -28.37 6.61
N HIS D 139 -11.97 -28.46 5.39
CA HIS D 139 -11.00 -27.44 4.89
CA HIS D 139 -11.00 -27.44 4.88
C HIS D 139 -11.72 -26.12 4.58
N ARG D 140 -13.05 -26.13 4.56
CA ARG D 140 -13.83 -24.98 4.04
C ARG D 140 -14.54 -24.23 5.18
N VAL D 141 -14.35 -24.65 6.43
CA VAL D 141 -15.02 -24.00 7.59
C VAL D 141 -13.98 -23.65 8.67
N MET D 142 -14.03 -22.42 9.20
CA MET D 142 -13.00 -21.97 10.16
C MET D 142 -13.50 -20.75 10.90
N GLY D 143 -12.90 -20.45 12.04
CA GLY D 143 -13.29 -19.29 12.83
C GLY D 143 -12.09 -18.41 13.14
N GLN D 144 -12.35 -17.12 13.30
CA GLN D 144 -11.34 -16.13 13.73
C GLN D 144 -11.42 -16.06 15.26
N SER D 145 -10.29 -16.29 15.94
CA SER D 145 -10.12 -16.10 17.39
C SER D 145 -8.65 -15.85 17.71
N GLY D 146 -7.76 -16.76 17.35
CA GLY D 146 -6.34 -16.72 17.77
C GLY D 146 -5.60 -15.52 17.20
N ILE D 147 -5.93 -15.09 15.98
CA ILE D 147 -5.20 -13.93 15.39
C ILE D 147 -5.46 -12.69 16.23
N LEU D 148 -6.70 -12.48 16.68
CA LEU D 148 -7.09 -11.33 17.52
C LEU D 148 -6.40 -11.41 18.88
N ASP D 149 -6.38 -12.59 19.55
CA ASP D 149 -5.58 -12.77 20.81
C ASP D 149 -4.07 -12.54 20.54
N SER D 150 -3.52 -13.08 19.46
CA SER D 150 -2.10 -12.86 19.04
CA SER D 150 -2.10 -12.85 19.08
C SER D 150 -1.80 -11.35 18.91
N ALA D 151 -2.66 -10.64 18.17
CA ALA D 151 -2.53 -9.21 17.84
C ALA D 151 -2.50 -8.39 19.12
N ARG D 152 -3.42 -8.68 20.06
CA ARG D 152 -3.51 -7.98 21.36
C ARG D 152 -2.18 -8.18 22.11
N PHE D 153 -1.76 -9.43 22.30
CA PHE D 153 -0.50 -9.80 22.99
C PHE D 153 0.69 -9.04 22.36
N ARG D 154 0.76 -9.04 21.02
CA ARG D 154 1.85 -8.39 20.24
C ARG D 154 1.83 -6.89 20.49
N THR D 155 0.63 -6.30 20.53
CA THR D 155 0.44 -4.84 20.73
C THR D 155 0.94 -4.48 22.14
N PHE D 156 0.54 -5.23 23.17
CA PHE D 156 1.00 -5.00 24.57
C PHE D 156 2.52 -5.14 24.67
N ILE D 157 3.10 -6.17 24.05
CA ILE D 157 4.58 -6.39 24.07
C ILE D 157 5.29 -5.23 23.35
N ALA D 158 4.85 -4.88 22.15
CA ALA D 158 5.46 -3.78 21.36
C ALA D 158 5.41 -2.47 22.16
N ARG D 159 4.29 -2.17 22.82
CA ARG D 159 4.14 -0.90 23.60
C ARG D 159 5.02 -0.99 24.84
N GLU D 160 5.06 -2.15 25.52
CA GLU D 160 5.96 -2.39 26.69
C GLU D 160 7.43 -2.15 26.31
N LEU D 161 7.94 -2.74 25.22
CA LEU D 161 9.38 -2.63 24.87
C LEU D 161 9.63 -1.37 24.04
N ASN D 162 8.58 -0.70 23.58
CA ASN D 162 8.64 0.44 22.63
C ASN D 162 9.34 0.00 21.35
N VAL D 163 8.86 -1.10 20.73
CA VAL D 163 9.38 -1.56 19.42
C VAL D 163 8.26 -1.66 18.39
N SER D 164 8.64 -1.81 17.11
CA SER D 164 7.75 -1.89 15.92
C SER D 164 6.70 -2.98 16.15
N PHE D 165 5.45 -2.68 15.89
CA PHE D 165 4.34 -3.68 15.82
C PHE D 165 4.66 -4.78 14.79
N GLU D 166 5.51 -4.50 13.81
CA GLU D 166 5.82 -5.43 12.69
C GLU D 166 6.80 -6.54 13.15
N ASP D 167 7.53 -6.34 14.25
CA ASP D 167 8.62 -7.25 14.67
C ASP D 167 8.25 -8.02 15.94
N VAL D 168 7.01 -7.89 16.40
CA VAL D 168 6.50 -8.73 17.53
C VAL D 168 5.55 -9.77 16.97
N HIS D 169 5.80 -11.04 17.32
CA HIS D 169 5.09 -12.25 16.78
C HIS D 169 4.72 -13.13 17.97
N ALA D 170 3.51 -13.70 17.92
CA ALA D 170 3.00 -14.56 19.02
C ALA D 170 2.04 -15.59 18.44
N LEU D 171 2.35 -16.86 18.67
CA LEU D 171 1.40 -17.95 18.39
C LEU D 171 0.58 -18.17 19.67
N VAL D 172 -0.73 -18.16 19.54
CA VAL D 172 -1.68 -18.39 20.66
C VAL D 172 -2.63 -19.53 20.22
N LEU D 173 -2.75 -20.56 21.04
CA LEU D 173 -3.68 -21.70 20.78
C LEU D 173 -4.99 -21.43 21.55
N GLY D 174 -6.05 -22.19 21.24
CA GLY D 174 -7.31 -22.19 22.00
C GLY D 174 -8.18 -21.00 21.65
N GLY D 175 -9.15 -20.73 22.52
CA GLY D 175 -10.17 -19.66 22.40
C GLY D 175 -9.78 -18.42 23.19
N HIS D 176 -10.68 -17.47 23.34
CA HIS D 176 -10.52 -16.25 24.18
C HIS D 176 -10.56 -16.58 25.68
N GLY D 177 -10.10 -15.63 26.50
CA GLY D 177 -10.18 -15.72 27.98
C GLY D 177 -9.51 -16.98 28.56
N ASP D 178 -10.26 -17.74 29.34
CA ASP D 178 -9.82 -18.95 30.08
C ASP D 178 -9.47 -20.08 29.11
N SER D 179 -10.02 -20.10 27.91
CA SER D 179 -9.76 -21.17 26.92
C SER D 179 -8.46 -20.90 26.17
N MET D 180 -7.87 -19.72 26.32
CA MET D 180 -6.63 -19.36 25.59
C MET D 180 -5.46 -20.16 26.17
N VAL D 181 -4.57 -20.61 25.28
CA VAL D 181 -3.25 -21.21 25.61
C VAL D 181 -2.18 -20.31 25.00
N PRO D 182 -1.68 -19.32 25.77
CA PRO D 182 -0.58 -18.47 25.34
C PRO D 182 0.70 -19.31 25.41
N LEU D 183 1.72 -18.96 24.61
CA LEU D 183 2.95 -19.76 24.46
C LEU D 183 4.11 -18.79 24.36
N PRO D 184 4.63 -18.34 25.52
CA PRO D 184 5.80 -17.46 25.58
C PRO D 184 7.02 -17.91 24.78
N ARG D 185 7.23 -19.22 24.69
CA ARG D 185 8.31 -19.89 23.92
C ARG D 185 8.10 -19.66 22.40
N TYR D 186 6.86 -19.52 21.99
CA TYR D 186 6.51 -19.18 20.57
CA TYR D 186 6.48 -19.18 20.58
C TYR D 186 6.10 -17.68 20.33
N THR D 187 6.72 -16.85 21.18
CA THR D 187 6.48 -15.39 21.17
C THR D 187 7.85 -14.75 21.01
N HIS D 188 8.03 -13.90 20.00
CA HIS D 188 9.35 -13.40 19.53
CA HIS D 188 9.39 -13.34 19.72
C HIS D 188 9.31 -11.88 19.30
N VAL D 189 10.45 -11.21 19.45
CA VAL D 189 10.67 -9.78 19.13
C VAL D 189 11.88 -9.75 18.18
N GLY D 190 11.59 -9.63 16.88
CA GLY D 190 12.62 -9.72 15.83
C GLY D 190 13.40 -11.03 15.90
N GLY D 191 12.74 -12.11 16.31
CA GLY D 191 13.37 -13.45 16.39
C GLY D 191 13.86 -13.79 17.78
N ILE D 192 13.97 -12.79 18.68
CA ILE D 192 14.40 -12.98 20.09
C ILE D 192 13.21 -13.43 20.93
N PRO D 193 13.27 -14.65 21.50
CA PRO D 193 12.24 -15.13 22.40
C PRO D 193 12.02 -14.09 23.49
N VAL D 194 10.76 -13.74 23.71
CA VAL D 194 10.33 -12.58 24.53
C VAL D 194 10.73 -12.84 25.98
N THR D 195 10.94 -14.12 26.35
CA THR D 195 11.43 -14.49 27.71
C THR D 195 12.86 -13.95 27.94
N GLN D 196 13.59 -13.57 26.91
CA GLN D 196 14.93 -12.93 27.08
C GLN D 196 14.78 -11.43 27.30
N LEU D 197 13.61 -10.86 26.98
CA LEU D 197 13.45 -9.37 26.98
C LEU D 197 12.54 -8.88 28.12
N LEU D 198 11.69 -9.74 28.65
CA LEU D 198 10.67 -9.39 29.69
C LEU D 198 10.77 -10.45 30.77
N PRO D 199 10.81 -10.07 32.07
CA PRO D 199 10.78 -11.08 33.13
C PRO D 199 9.40 -11.72 33.22
N LYS D 200 9.37 -12.82 33.95
CA LYS D 200 8.19 -13.70 34.17
C LYS D 200 6.94 -12.86 34.55
N GLU D 201 7.07 -11.99 35.54
CA GLU D 201 5.93 -11.23 36.14
C GLU D 201 5.28 -10.34 35.09
N LYS D 202 6.07 -9.67 34.25
CA LYS D 202 5.56 -8.80 33.16
C LYS D 202 4.84 -9.66 32.10
N ILE D 203 5.45 -10.77 31.70
CA ILE D 203 4.86 -11.68 30.68
C ILE D 203 3.52 -12.18 31.22
N ASP D 204 3.46 -12.57 32.50
CA ASP D 204 2.19 -13.00 33.13
C ASP D 204 1.14 -11.87 33.04
N GLU D 205 1.53 -10.62 33.33
CA GLU D 205 0.60 -9.47 33.29
C GLU D 205 0.19 -9.18 31.84
N LEU D 206 1.09 -9.26 30.84
CA LEU D 206 0.63 -9.04 29.44
C LEU D 206 -0.26 -10.21 28.97
N VAL D 207 -0.01 -11.44 29.42
CA VAL D 207 -0.91 -12.58 29.08
C VAL D 207 -2.29 -12.30 29.69
N ARG D 208 -2.34 -11.78 30.92
CA ARG D 208 -3.63 -11.58 31.62
C ARG D 208 -4.42 -10.51 30.86
N ARG D 209 -3.76 -9.42 30.48
CA ARG D 209 -4.38 -8.34 29.69
C ARG D 209 -4.94 -8.93 28.39
N THR D 210 -4.25 -9.91 27.79
CA THR D 210 -4.68 -10.56 26.51
C THR D 210 -5.93 -11.41 26.75
N ARG D 211 -5.93 -12.23 27.80
CA ARG D 211 -7.10 -13.05 28.19
C ARG D 211 -8.34 -12.16 28.37
N ASP D 212 -8.15 -10.97 28.95
CA ASP D 212 -9.24 -10.03 29.32
C ASP D 212 -9.44 -8.97 28.23
N GLY D 213 -8.76 -9.10 27.08
CA GLY D 213 -8.59 -8.00 26.12
C GLY D 213 -9.92 -7.53 25.53
N GLY D 214 -10.79 -8.49 25.23
CA GLY D 214 -12.13 -8.23 24.66
C GLY D 214 -12.98 -7.46 25.63
N ALA D 215 -13.04 -7.93 26.89
CA ALA D 215 -13.82 -7.33 28.00
C ALA D 215 -13.29 -5.91 28.27
N GLU D 216 -11.98 -5.71 28.20
CA GLU D 216 -11.37 -4.35 28.35
C GLU D 216 -12.02 -3.37 27.37
N ILE D 217 -12.11 -3.72 26.09
CA ILE D 217 -12.68 -2.77 25.10
C ILE D 217 -14.16 -2.59 25.47
N VAL D 218 -14.86 -3.67 25.82
CA VAL D 218 -16.30 -3.59 26.17
C VAL D 218 -16.52 -2.61 27.32
N ARG D 219 -15.72 -2.69 28.38
CA ARG D 219 -15.79 -1.77 29.55
C ARG D 219 -15.58 -0.32 29.10
N LEU D 220 -14.69 -0.09 28.13
CA LEU D 220 -14.37 1.31 27.74
C LEU D 220 -15.50 1.86 26.87
N LEU D 221 -15.98 1.08 25.91
CA LEU D 221 -17.03 1.52 24.96
C LEU D 221 -18.38 1.60 25.71
N LYS D 222 -18.65 0.68 26.64
CA LYS D 222 -19.88 0.62 27.49
C LYS D 222 -21.08 0.03 26.74
N THR D 223 -21.27 0.38 25.48
CA THR D 223 -22.18 -0.35 24.56
C THR D 223 -21.35 -0.80 23.35
N GLY D 224 -21.55 -2.02 22.89
CA GLY D 224 -20.77 -2.58 21.79
C GLY D 224 -19.41 -3.10 22.25
N SER D 225 -18.75 -3.75 21.31
CA SER D 225 -17.55 -4.56 21.53
C SER D 225 -16.50 -4.08 20.51
N ALA D 226 -15.29 -4.64 20.56
CA ALA D 226 -14.18 -4.28 19.64
C ALA D 226 -14.63 -4.52 18.19
N PHE D 227 -14.12 -3.77 17.23
CA PHE D 227 -14.48 -3.97 15.80
C PHE D 227 -13.28 -3.79 14.87
N PHE D 228 -12.41 -2.82 15.11
CA PHE D 228 -11.19 -2.60 14.28
C PHE D 228 -10.32 -3.86 14.19
N ALA D 229 -9.81 -4.35 15.32
CA ALA D 229 -8.89 -5.51 15.33
C ALA D 229 -9.56 -6.84 14.93
N PRO D 230 -10.79 -7.18 15.38
CA PRO D 230 -11.49 -8.38 14.88
C PRO D 230 -11.64 -8.24 13.36
N GLY D 231 -12.01 -7.06 12.89
CA GLY D 231 -12.12 -6.74 11.45
C GLY D 231 -10.82 -7.05 10.71
N ALA D 232 -9.69 -6.56 11.23
CA ALA D 232 -8.33 -6.80 10.68
C ALA D 232 -8.04 -8.31 10.65
N ALA D 233 -8.33 -9.02 11.73
CA ALA D 233 -7.96 -10.44 11.87
C ALA D 233 -8.73 -11.26 10.83
N MET D 234 -10.01 -10.98 10.64
CA MET D 234 -10.87 -11.62 9.61
C MET D 234 -10.39 -11.27 8.21
N ALA D 235 -9.99 -10.02 7.95
CA ALA D 235 -9.54 -9.58 6.61
C ALA D 235 -8.30 -10.38 6.23
N GLU D 236 -7.43 -10.65 7.21
CA GLU D 236 -6.15 -11.41 7.03
CA GLU D 236 -6.16 -11.39 6.99
C GLU D 236 -6.50 -12.83 6.57
N MET D 237 -7.51 -13.42 7.18
CA MET D 237 -7.96 -14.79 6.82
C MET D 237 -8.60 -14.78 5.42
N VAL D 238 -9.48 -13.83 5.14
CA VAL D 238 -10.15 -13.72 3.82
C VAL D 238 -9.08 -13.58 2.73
N GLU D 239 -8.13 -12.67 2.92
CA GLU D 239 -7.03 -12.46 1.95
C GLU D 239 -6.17 -13.73 1.80
N ALA D 240 -5.85 -14.41 2.89
CA ALA D 240 -4.97 -15.59 2.84
C ALA D 240 -5.56 -16.58 1.83
N ILE D 241 -6.90 -16.71 1.81
CA ILE D 241 -7.63 -17.67 0.92
C ILE D 241 -7.59 -17.11 -0.53
N LEU D 242 -8.06 -15.88 -0.75
CA LEU D 242 -8.31 -15.30 -2.09
C LEU D 242 -6.99 -15.12 -2.83
N ARG D 243 -5.87 -14.90 -2.14
CA ARG D 243 -4.55 -14.76 -2.83
C ARG D 243 -3.63 -15.93 -2.53
N ASP D 244 -4.17 -17.03 -2.00
CA ASP D 244 -3.46 -18.32 -1.78
C ASP D 244 -2.11 -18.05 -1.10
N ARG D 245 -2.12 -17.32 0.00
CA ARG D 245 -0.86 -16.82 0.59
C ARG D 245 -0.14 -17.90 1.41
N LYS D 246 -0.85 -18.93 1.86
CA LYS D 246 -0.33 -19.99 2.76
C LYS D 246 0.20 -19.32 4.05
N ARG D 247 -0.63 -18.48 4.66
CA ARG D 247 -0.33 -17.84 5.97
C ARG D 247 -0.27 -18.91 7.04
N VAL D 248 0.64 -18.77 7.98
CA VAL D 248 0.75 -19.66 9.18
C VAL D 248 0.16 -18.89 10.34
N LEU D 249 -1.11 -19.17 10.64
CA LEU D 249 -1.94 -18.35 11.55
C LEU D 249 -2.67 -19.29 12.52
N PRO D 250 -2.96 -18.82 13.74
CA PRO D 250 -3.87 -19.56 14.64
C PRO D 250 -5.33 -19.33 14.22
N VAL D 251 -6.01 -20.39 13.82
CA VAL D 251 -7.47 -20.27 13.53
C VAL D 251 -8.20 -21.44 14.20
N SER D 252 -9.51 -21.29 14.39
CA SER D 252 -10.40 -22.39 14.85
C SER D 252 -10.59 -23.34 13.66
N ALA D 253 -10.07 -24.57 13.79
CA ALA D 253 -10.11 -25.60 12.73
C ALA D 253 -10.67 -26.88 13.31
N TYR D 254 -11.32 -27.68 12.47
CA TYR D 254 -11.93 -28.96 12.87
C TYR D 254 -10.82 -29.99 13.02
N LEU D 255 -10.72 -30.59 14.19
CA LEU D 255 -9.63 -31.55 14.53
C LEU D 255 -10.12 -32.98 14.25
N GLU D 256 -9.26 -33.81 13.67
CA GLU D 256 -9.48 -35.26 13.47
C GLU D 256 -8.22 -35.98 13.90
N GLY D 257 -7.81 -35.77 15.15
CA GLY D 257 -6.65 -36.45 15.75
C GLY D 257 -5.54 -35.52 16.18
N GLU D 258 -5.43 -34.33 15.58
CA GLU D 258 -4.39 -33.33 15.94
C GLU D 258 -4.50 -33.03 17.44
N TYR D 259 -3.37 -32.94 18.13
CA TYR D 259 -3.28 -32.55 19.57
C TYR D 259 -4.10 -33.55 20.42
N GLY D 260 -4.32 -34.75 19.91
CA GLY D 260 -5.06 -35.83 20.59
C GLY D 260 -6.57 -35.60 20.63
N GLU D 261 -7.13 -34.67 19.85
CA GLU D 261 -8.59 -34.35 19.88
C GLU D 261 -9.18 -34.71 18.52
N SER D 262 -10.41 -35.23 18.51
CA SER D 262 -11.11 -35.57 17.24
C SER D 262 -12.60 -35.27 17.39
N GLY D 263 -13.18 -34.52 16.45
CA GLY D 263 -14.63 -34.23 16.50
C GLY D 263 -14.99 -32.82 16.96
N ILE D 264 -14.02 -31.93 17.15
CA ILE D 264 -14.33 -30.54 17.61
C ILE D 264 -13.46 -29.51 16.88
N PHE D 265 -13.87 -28.24 16.88
CA PHE D 265 -13.02 -27.10 16.49
C PHE D 265 -12.20 -26.68 17.70
N MET D 266 -10.91 -26.41 17.45
CA MET D 266 -10.00 -25.81 18.44
C MET D 266 -9.12 -24.80 17.69
N GLY D 267 -8.65 -23.78 18.41
CA GLY D 267 -7.67 -22.81 17.92
C GLY D 267 -6.31 -23.45 17.86
N VAL D 268 -5.78 -23.58 16.64
CA VAL D 268 -4.52 -24.30 16.30
C VAL D 268 -3.84 -23.53 15.18
N PRO D 269 -2.52 -23.76 15.00
CA PRO D 269 -1.75 -23.18 13.89
C PRO D 269 -2.04 -23.93 12.60
N VAL D 270 -2.44 -23.19 11.58
CA VAL D 270 -2.77 -23.75 10.25
C VAL D 270 -1.92 -23.04 9.21
N VAL D 271 -1.79 -23.70 8.07
CA VAL D 271 -1.45 -23.12 6.74
C VAL D 271 -2.77 -22.85 6.06
N LEU D 272 -3.07 -21.56 5.88
CA LEU D 272 -4.33 -21.03 5.31
C LEU D 272 -4.00 -20.48 3.91
N GLY D 273 -4.55 -21.14 2.90
CA GLY D 273 -4.32 -20.79 1.49
C GLY D 273 -5.60 -20.95 0.67
N GLY D 274 -5.44 -20.99 -0.65
CA GLY D 274 -6.56 -20.93 -1.60
C GLY D 274 -7.37 -22.21 -1.57
N ASN D 275 -6.91 -23.27 -0.86
CA ASN D 275 -7.75 -24.46 -0.60
CA ASN D 275 -7.74 -24.47 -0.59
C ASN D 275 -8.18 -24.48 0.88
N GLY D 276 -8.20 -23.32 1.53
CA GLY D 276 -8.65 -23.16 2.92
C GLY D 276 -7.62 -23.66 3.90
N ILE D 277 -8.04 -24.45 4.89
CA ILE D 277 -7.13 -25.07 5.88
C ILE D 277 -6.36 -26.16 5.13
N GLU D 278 -5.10 -25.89 4.80
CA GLU D 278 -4.28 -26.80 3.98
C GLU D 278 -3.50 -27.75 4.87
N LYS D 279 -3.21 -27.34 6.09
CA LYS D 279 -2.41 -28.16 7.05
CA LYS D 279 -2.42 -28.16 7.04
C LYS D 279 -2.68 -27.62 8.44
N ILE D 280 -2.80 -28.52 9.42
CA ILE D 280 -2.79 -28.16 10.86
C ILE D 280 -1.42 -28.58 11.36
N LEU D 281 -0.69 -27.63 11.91
CA LEU D 281 0.69 -27.88 12.38
C LEU D 281 0.61 -28.31 13.84
N GLU D 282 1.33 -29.36 14.20
CA GLU D 282 1.39 -29.90 15.58
C GLU D 282 2.74 -29.52 16.16
N ILE D 283 2.68 -28.58 17.10
CA ILE D 283 3.90 -28.01 17.70
C ILE D 283 4.22 -28.70 19.02
N GLU D 284 5.45 -28.57 19.43
CA GLU D 284 5.93 -29.13 20.73
C GLU D 284 5.31 -28.36 21.90
N LEU D 285 4.68 -29.10 22.81
CA LEU D 285 3.99 -28.54 23.99
C LEU D 285 4.55 -29.26 25.23
N THR D 286 4.73 -28.53 26.34
CA THR D 286 4.97 -29.14 27.67
C THR D 286 3.73 -29.91 28.14
N ASP D 287 3.90 -30.79 29.12
CA ASP D 287 2.78 -31.50 29.78
C ASP D 287 1.70 -30.51 30.25
N GLU D 288 2.10 -29.39 30.85
CA GLU D 288 1.15 -28.40 31.42
C GLU D 288 0.35 -27.76 30.27
N GLU D 289 1.06 -27.29 29.24
CA GLU D 289 0.47 -26.74 27.99
C GLU D 289 -0.52 -27.74 27.39
N ARG D 290 -0.15 -29.03 27.29
CA ARG D 290 -1.04 -30.08 26.71
C ARG D 290 -2.29 -30.20 27.58
N GLN D 291 -2.12 -30.13 28.90
CA GLN D 291 -3.24 -30.26 29.88
C GLN D 291 -4.11 -29.03 29.77
N ALA D 292 -3.54 -27.86 29.55
CA ALA D 292 -4.32 -26.61 29.40
C ALA D 292 -5.12 -26.70 28.08
N PHE D 293 -4.51 -27.19 26.99
CA PHE D 293 -5.22 -27.40 25.70
C PHE D 293 -6.33 -28.43 25.90
N ALA D 294 -6.08 -29.53 26.62
CA ALA D 294 -7.10 -30.58 26.87
C ALA D 294 -8.29 -30.01 27.66
N ARG D 295 -8.05 -29.13 28.65
CA ARG D 295 -9.16 -28.54 29.45
C ARG D 295 -9.99 -27.58 28.58
N SER D 296 -9.33 -26.81 27.72
CA SER D 296 -10.02 -25.90 26.77
C SER D 296 -10.93 -26.72 25.84
N ALA D 297 -10.42 -27.86 25.33
CA ALA D 297 -11.20 -28.83 24.51
C ALA D 297 -12.39 -29.37 25.33
N ALA D 298 -12.17 -29.67 26.61
CA ALA D 298 -13.21 -30.25 27.49
C ALA D 298 -14.33 -29.22 27.70
N ASP D 299 -13.99 -27.95 27.86
CA ASP D 299 -15.00 -26.87 28.04
C ASP D 299 -15.79 -26.69 26.75
N VAL D 300 -15.15 -26.84 25.59
CA VAL D 300 -15.86 -26.88 24.28
C VAL D 300 -16.89 -28.03 24.31
N ARG D 301 -16.50 -29.25 24.69
CA ARG D 301 -17.44 -30.41 24.76
C ARG D 301 -18.55 -30.19 25.81
N GLN D 302 -18.24 -29.53 26.92
CA GLN D 302 -19.24 -29.18 27.96
C GLN D 302 -20.29 -28.25 27.33
N THR D 303 -19.84 -27.22 26.61
CA THR D 303 -20.75 -26.29 25.89
C THR D 303 -21.59 -27.06 24.86
N LEU D 304 -20.97 -27.89 24.02
CA LEU D 304 -21.72 -28.65 22.98
C LEU D 304 -22.74 -29.62 23.60
N SER D 305 -22.46 -30.18 24.79
CA SER D 305 -23.30 -31.23 25.41
C SER D 305 -24.68 -30.65 25.66
N LYS D 306 -24.81 -29.32 25.77
CA LYS D 306 -26.09 -28.68 26.15
C LYS D 306 -26.83 -28.15 24.91
N LEU D 307 -26.25 -28.29 23.72
CA LEU D 307 -26.84 -27.71 22.49
C LEU D 307 -27.74 -28.75 21.82
N ASP D 308 -28.78 -28.27 21.16
CA ASP D 308 -29.71 -29.12 20.40
C ASP D 308 -29.04 -29.45 19.07
N LEU D 309 -28.04 -30.35 19.18
CA LEU D 309 -27.38 -31.13 18.11
C LEU D 309 -28.38 -31.96 17.31
#